data_9D67
#
_entry.id   9D67
#
loop_
_entity.id
_entity.type
_entity.pdbx_description
1 polymer 'Excitatory amino acid transporter 3'
2 non-polymer 'D-ASPARTIC ACID'
3 non-polymer 'SODIUM ION'
4 non-polymer 'MERCURY (II) ION'
5 water water
#
_entity_poly.entity_id   1
_entity_poly.type   'polypeptide(L)'
_entity_poly.pdbx_seq_one_letter_code
;GPMGKPARKGAEWKRFLKNNWVLLSTVAAVVLGITTGVLVREHSNLSTLEKFYFAFPGEILMRMLKLIILPLIISSMITG
VAALDSNVSGKIGLRAVVYYFATTLIAVILGIVLVVSIKPGVTQKVGEIARTGSTPEVSTVDAMLDLIRNMFPENLVQAA
FQQYKTKREEVKPPSDPEMTMTEESFTAVMTTAISKTKTKEYKIVGMYSDGINVLGLIVFALVFGLVIGKMGEKGQILVD
FFNALSDATMKIVQIIMWYMPLGILFLIAGCIIEVEDWEIFRKLGLYMATVLTGLAIHSIVILPLIYFIVVRKNPFRFAM
GMAQALLTALMISSSSATLPVTFRCAEENNQVDKRITRFVLPVGATINMDGTALYEAVAAVFIAQLNDLDLGIGQIITIS
ITATSASIGAAGVPQAGLVTMVIVLSAVGLPAEDVTLIIAVDCLLDRFRTMVNVLGDAFGTGIVEKLSKKELEQMDVSSE
VNIVNPFALESTILDNEDSDTKKSYVNGGFAVDKSDTISFTQTSQF
;
_entity_poly.pdbx_strand_id   A,B,C
#
loop_
_chem_comp.id
_chem_comp.type
_chem_comp.name
_chem_comp.formula
HG non-polymer 'MERCURY (II) ION' 'Hg 2'
NA non-polymer 'SODIUM ION' 'Na 1'
#
# COMPACT_ATOMS: atom_id res chain seq x y z
N ASN A 19 -18.40 33.75 17.18
CA ASN A 19 -19.37 33.40 16.15
C ASN A 19 -18.85 32.25 15.29
N ASN A 20 -19.69 31.75 14.39
CA ASN A 20 -19.27 30.73 13.46
C ASN A 20 -18.39 31.33 12.37
N TRP A 21 -17.34 30.60 11.99
CA TRP A 21 -16.37 31.07 11.02
C TRP A 21 -16.39 30.32 9.69
N VAL A 22 -16.74 29.04 9.70
CA VAL A 22 -16.66 28.22 8.49
C VAL A 22 -17.56 28.80 7.42
N LEU A 23 -18.87 28.72 7.61
CA LEU A 23 -19.81 29.15 6.58
C LEU A 23 -19.43 30.53 6.06
N LEU A 24 -19.20 31.47 6.96
CA LEU A 24 -18.89 32.84 6.54
C LEU A 24 -17.60 32.86 5.73
N SER A 25 -16.52 32.35 6.32
CA SER A 25 -15.23 32.33 5.63
C SER A 25 -15.37 31.75 4.23
N THR A 26 -16.13 30.67 4.08
CA THR A 26 -16.27 30.04 2.77
C THR A 26 -17.14 30.88 1.84
N VAL A 27 -18.17 31.53 2.37
CA VAL A 27 -18.98 32.41 1.53
C VAL A 27 -18.14 33.57 1.04
N ALA A 28 -17.32 34.15 1.93
CA ALA A 28 -16.43 35.21 1.51
C ALA A 28 -15.43 34.70 0.48
N ALA A 29 -14.94 33.47 0.66
CA ALA A 29 -14.03 32.87 -0.30
C ALA A 29 -14.68 32.73 -1.67
N VAL A 30 -15.95 32.29 -1.71
CA VAL A 30 -16.61 32.08 -2.99
C VAL A 30 -16.79 33.40 -3.72
N VAL A 31 -17.25 34.43 -3.00
CA VAL A 31 -17.48 35.72 -3.66
C VAL A 31 -16.15 36.35 -4.07
N LEU A 32 -15.11 36.18 -3.25
CA LEU A 32 -13.80 36.67 -3.62
C LEU A 32 -13.26 35.93 -4.84
N GLY A 33 -13.57 34.63 -4.94
CA GLY A 33 -13.17 33.88 -6.12
C GLY A 33 -13.86 34.37 -7.38
N ILE A 34 -15.16 34.65 -7.31
CA ILE A 34 -15.87 35.21 -8.46
C ILE A 34 -15.23 36.52 -8.89
N THR A 35 -15.04 37.44 -7.95
CA THR A 35 -14.49 38.75 -8.30
C THR A 35 -13.07 38.61 -8.83
N THR A 36 -12.24 37.79 -8.18
CA THR A 36 -10.87 37.61 -8.63
C THR A 36 -10.84 36.99 -10.02
N GLY A 37 -11.67 35.98 -10.27
CA GLY A 37 -11.69 35.37 -11.59
C GLY A 37 -12.09 36.35 -12.67
N VAL A 38 -13.20 37.05 -12.46
CA VAL A 38 -13.68 38.01 -13.46
C VAL A 38 -12.60 39.05 -13.74
N LEU A 39 -12.10 39.71 -12.69
CA LEU A 39 -11.15 40.79 -12.88
C LEU A 39 -9.88 40.29 -13.55
N VAL A 40 -9.35 39.16 -13.10
CA VAL A 40 -8.11 38.64 -13.68
C VAL A 40 -8.31 38.22 -15.12
N ARG A 41 -9.47 37.64 -15.45
CA ARG A 41 -9.70 37.18 -16.80
C ARG A 41 -9.80 38.33 -17.79
N GLU A 42 -10.38 39.45 -17.38
CA GLU A 42 -10.63 40.56 -18.29
C GLU A 42 -9.48 41.57 -18.29
N HIS A 43 -9.20 42.16 -17.13
CA HIS A 43 -8.17 43.20 -17.06
C HIS A 43 -6.82 42.66 -17.51
N SER A 44 -6.49 41.43 -17.12
CA SER A 44 -5.20 40.85 -17.41
C SER A 44 -5.34 39.72 -18.43
N ASN A 45 -4.21 39.35 -19.02
CA ASN A 45 -4.14 38.25 -19.98
C ASN A 45 -3.02 37.31 -19.53
N LEU A 46 -3.39 36.11 -19.10
CA LEU A 46 -2.44 35.15 -18.55
C LEU A 46 -2.23 34.00 -19.54
N SER A 47 -0.99 33.56 -19.65
CA SER A 47 -0.66 32.42 -20.48
C SER A 47 -1.06 31.14 -19.77
N THR A 48 -1.09 30.03 -20.53
CA THR A 48 -1.40 28.74 -19.95
C THR A 48 -0.57 28.49 -18.69
N LEU A 49 0.71 28.86 -18.72
CA LEU A 49 1.56 28.69 -17.56
C LEU A 49 0.99 29.41 -16.35
N GLU A 50 0.84 30.72 -16.46
CA GLU A 50 0.34 31.51 -15.33
C GLU A 50 -1.07 31.09 -14.93
N LYS A 51 -1.88 30.66 -15.90
CA LYS A 51 -3.21 30.17 -15.55
C LYS A 51 -3.12 28.95 -14.65
N PHE A 52 -2.22 28.01 -14.97
CA PHE A 52 -2.05 26.84 -14.13
C PHE A 52 -1.45 27.21 -12.77
N TYR A 53 -0.46 28.10 -12.76
CA TYR A 53 0.17 28.47 -11.50
C TYR A 53 -0.73 29.33 -10.64
N PHE A 54 -1.74 29.98 -11.23
CA PHE A 54 -2.65 30.78 -10.42
C PHE A 54 -3.60 29.92 -9.61
N ALA A 55 -3.85 28.69 -10.03
CA ALA A 55 -4.74 27.79 -9.31
C ALA A 55 -3.98 26.83 -8.40
N PHE A 56 -2.69 27.08 -8.16
CA PHE A 56 -1.91 26.16 -7.34
C PHE A 56 -2.45 26.02 -5.93
N PRO A 57 -2.82 27.08 -5.21
CA PRO A 57 -3.39 26.87 -3.88
C PRO A 57 -4.63 26.00 -3.91
N GLY A 58 -5.48 26.15 -4.91
CA GLY A 58 -6.61 25.25 -5.06
C GLY A 58 -6.16 23.83 -5.37
N GLU A 59 -5.10 23.68 -6.17
CA GLU A 59 -4.55 22.36 -6.44
C GLU A 59 -4.08 21.68 -5.17
N ILE A 60 -3.43 22.43 -4.28
CA ILE A 60 -2.95 21.84 -3.03
C ILE A 60 -4.13 21.41 -2.17
N LEU A 61 -5.22 22.18 -2.18
CA LEU A 61 -6.42 21.76 -1.47
C LEU A 61 -6.92 20.44 -2.00
N MET A 62 -6.94 20.27 -3.33
CA MET A 62 -7.35 19.00 -3.90
C MET A 62 -6.42 17.86 -3.48
N ARG A 63 -5.11 18.12 -3.43
CA ARG A 63 -4.19 17.08 -3.00
C ARG A 63 -4.48 16.66 -1.57
N MET A 64 -4.73 17.62 -0.68
CA MET A 64 -5.02 17.29 0.71
C MET A 64 -6.34 16.51 0.84
N LEU A 65 -7.38 16.95 0.14
CA LEU A 65 -8.66 16.28 0.22
C LEU A 65 -8.59 14.87 -0.36
N LYS A 66 -7.91 14.71 -1.50
CA LYS A 66 -7.75 13.37 -2.07
C LYS A 66 -6.91 12.48 -1.17
N LEU A 67 -5.98 13.06 -0.43
CA LEU A 67 -5.21 12.29 0.56
C LEU A 67 -6.12 11.68 1.61
N ILE A 68 -7.07 12.44 2.13
CA ILE A 68 -7.94 11.97 3.20
C ILE A 68 -9.03 11.02 2.71
N ILE A 69 -9.21 10.90 1.39
CA ILE A 69 -10.25 10.02 0.85
C ILE A 69 -10.12 8.64 1.45
N LEU A 70 -8.97 7.99 1.28
CA LEU A 70 -8.87 6.57 1.56
C LEU A 70 -9.09 6.27 3.05
N PRO A 71 -8.35 6.88 3.98
CA PRO A 71 -8.63 6.58 5.40
C PRO A 71 -10.04 6.94 5.82
N LEU A 72 -10.58 8.03 5.28
CA LEU A 72 -11.94 8.43 5.63
C LEU A 72 -12.95 7.36 5.24
N ILE A 73 -12.89 6.90 3.99
CA ILE A 73 -13.85 5.90 3.51
C ILE A 73 -13.70 4.61 4.30
N ILE A 74 -12.47 4.09 4.39
CA ILE A 74 -12.25 2.80 5.03
C ILE A 74 -12.77 2.82 6.46
N SER A 75 -12.38 3.84 7.23
CA SER A 75 -12.79 3.89 8.64
C SER A 75 -14.29 4.13 8.76
N SER A 76 -14.85 4.98 7.90
CA SER A 76 -16.27 5.30 7.98
C SER A 76 -17.14 4.08 7.71
N MET A 77 -16.84 3.34 6.64
CA MET A 77 -17.65 2.15 6.33
C MET A 77 -17.53 1.12 7.44
N ILE A 78 -16.30 0.83 7.89
CA ILE A 78 -16.10 -0.22 8.88
C ILE A 78 -16.79 0.17 10.19
N THR A 79 -16.58 1.41 10.62
CA THR A 79 -17.18 1.88 11.86
C THR A 79 -18.71 1.89 11.76
N GLY A 80 -19.24 2.37 10.63
CA GLY A 80 -20.69 2.47 10.51
C GLY A 80 -21.39 1.13 10.56
N VAL A 81 -20.87 0.14 9.83
CA VAL A 81 -21.53 -1.17 9.80
C VAL A 81 -21.16 -2.04 11.00
N ALA A 82 -20.07 -1.71 11.70
CA ALA A 82 -19.73 -2.46 12.91
C ALA A 82 -20.54 -2.00 14.10
N ALA A 83 -21.00 -0.74 14.10
CA ALA A 83 -21.87 -0.28 15.17
C ALA A 83 -23.18 -1.05 15.19
N LEU A 84 -23.72 -1.35 14.00
CA LEU A 84 -24.96 -2.11 13.88
C LEU A 84 -24.69 -3.62 14.01
N ASP A 85 -24.07 -3.97 15.14
CA ASP A 85 -23.67 -5.36 15.35
C ASP A 85 -24.88 -6.28 15.51
N SER A 86 -25.90 -5.83 16.22
CA SER A 86 -27.03 -6.69 16.54
C SER A 86 -27.81 -7.06 15.28
N ASN A 87 -28.38 -8.26 15.29
CA ASN A 87 -29.24 -8.69 14.19
C ASN A 87 -30.44 -7.78 14.05
N VAL A 88 -31.04 -7.38 15.17
CA VAL A 88 -32.13 -6.40 15.12
C VAL A 88 -31.61 -5.08 14.56
N SER A 89 -30.43 -4.65 15.00
CA SER A 89 -29.85 -3.42 14.48
C SER A 89 -29.50 -3.53 13.00
N GLY A 90 -29.33 -4.74 12.48
CA GLY A 90 -29.05 -4.89 11.07
C GLY A 90 -30.21 -4.51 10.17
N LYS A 91 -31.42 -4.47 10.71
CA LYS A 91 -32.56 -3.97 9.95
C LYS A 91 -32.37 -2.51 9.60
N ILE A 92 -31.75 -1.75 10.51
CA ILE A 92 -31.44 -0.35 10.24
C ILE A 92 -30.53 -0.24 9.03
N GLY A 93 -29.51 -1.08 8.97
CA GLY A 93 -28.62 -1.08 7.82
C GLY A 93 -29.32 -1.48 6.55
N LEU A 94 -30.21 -2.48 6.62
CA LEU A 94 -30.95 -2.91 5.45
C LEU A 94 -31.83 -1.80 4.91
N ARG A 95 -32.54 -1.10 5.80
CA ARG A 95 -33.37 0.02 5.35
C ARG A 95 -32.52 1.12 4.73
N ALA A 96 -31.35 1.41 5.32
CA ALA A 96 -30.49 2.45 4.78
C ALA A 96 -30.00 2.10 3.37
N VAL A 97 -29.58 0.85 3.14
CA VAL A 97 -29.02 0.50 1.85
C VAL A 97 -30.10 0.50 0.77
N VAL A 98 -31.30 0.03 1.10
CA VAL A 98 -32.37 0.02 0.11
C VAL A 98 -32.80 1.43 -0.22
N TYR A 99 -32.82 2.32 0.78
CA TYR A 99 -33.12 3.72 0.50
C TYR A 99 -32.06 4.34 -0.40
N TYR A 100 -30.78 4.09 -0.11
CA TYR A 100 -29.72 4.64 -0.95
C TYR A 100 -29.89 4.19 -2.40
N PHE A 101 -30.05 2.88 -2.61
CA PHE A 101 -30.17 2.38 -3.98
C PHE A 101 -31.43 2.90 -4.66
N ALA A 102 -32.55 2.90 -3.94
CA ALA A 102 -33.81 3.33 -4.56
C ALA A 102 -33.76 4.79 -4.96
N THR A 103 -33.24 5.65 -4.09
CA THR A 103 -33.22 7.08 -4.40
C THR A 103 -32.21 7.38 -5.49
N THR A 104 -31.06 6.71 -5.48
CA THR A 104 -30.09 6.89 -6.55
C THR A 104 -30.65 6.43 -7.89
N LEU A 105 -31.39 5.31 -7.91
CA LEU A 105 -32.00 4.85 -9.14
C LEU A 105 -33.03 5.84 -9.65
N ILE A 106 -33.82 6.42 -8.75
CA ILE A 106 -34.79 7.44 -9.16
C ILE A 106 -34.06 8.64 -9.77
N ALA A 107 -32.95 9.05 -9.17
CA ALA A 107 -32.19 10.18 -9.70
C ALA A 107 -31.66 9.88 -11.09
N VAL A 108 -31.12 8.68 -11.31
CA VAL A 108 -30.60 8.32 -12.63
C VAL A 108 -31.73 8.33 -13.66
N ILE A 109 -32.88 7.77 -13.29
CA ILE A 109 -34.01 7.72 -14.22
C ILE A 109 -34.46 9.13 -14.56
N LEU A 110 -34.57 10.00 -13.56
CA LEU A 110 -34.99 11.38 -13.81
C LEU A 110 -33.99 12.10 -14.71
N GLY A 111 -32.70 11.92 -14.46
CA GLY A 111 -31.70 12.58 -15.29
C GLY A 111 -31.75 12.10 -16.73
N ILE A 112 -31.87 10.79 -16.94
CA ILE A 112 -31.93 10.24 -18.29
C ILE A 112 -33.17 10.74 -19.01
N VAL A 113 -34.31 10.74 -18.32
CA VAL A 113 -35.55 11.18 -18.95
C VAL A 113 -35.44 12.64 -19.37
N LEU A 114 -34.90 13.49 -18.48
CA LEU A 114 -34.80 14.90 -18.78
C LEU A 114 -33.84 15.16 -19.93
N VAL A 115 -32.69 14.48 -19.95
CA VAL A 115 -31.70 14.73 -20.99
C VAL A 115 -32.20 14.20 -22.33
N VAL A 116 -32.98 13.12 -22.31
CA VAL A 116 -33.56 12.61 -23.56
C VAL A 116 -34.64 13.55 -24.06
N SER A 117 -35.47 14.07 -23.16
CA SER A 117 -36.56 14.94 -23.57
C SER A 117 -36.04 16.26 -24.12
N ILE A 118 -35.16 16.93 -23.35
CA ILE A 118 -34.66 18.24 -23.76
C ILE A 118 -33.74 18.11 -24.97
N LYS A 119 -32.91 17.06 -24.98
CA LYS A 119 -31.93 16.86 -26.04
C LYS A 119 -31.01 18.07 -26.13
N PRO A 120 -30.17 18.31 -25.13
CA PRO A 120 -29.27 19.48 -25.19
C PRO A 120 -28.33 19.45 -26.37
N GLY A 121 -27.88 18.27 -26.78
CA GLY A 121 -26.96 18.16 -27.90
C GLY A 121 -27.66 18.18 -29.25
N SER A 139 -18.56 -3.35 -26.85
CA SER A 139 -17.61 -3.37 -25.73
C SER A 139 -18.27 -2.91 -24.44
N THR A 140 -19.60 -2.74 -24.47
CA THR A 140 -20.32 -2.36 -23.26
C THR A 140 -20.27 -3.46 -22.22
N VAL A 141 -20.31 -4.72 -22.66
CA VAL A 141 -20.21 -5.83 -21.71
C VAL A 141 -18.89 -5.81 -20.98
N ASP A 142 -17.83 -5.33 -21.63
CA ASP A 142 -16.53 -5.24 -20.97
C ASP A 142 -16.61 -4.28 -19.78
N ALA A 143 -17.23 -3.13 -19.96
CA ALA A 143 -17.38 -2.18 -18.86
C ALA A 143 -18.32 -2.72 -17.80
N MET A 144 -19.39 -3.41 -18.22
CA MET A 144 -20.31 -4.01 -17.25
C MET A 144 -19.58 -5.03 -16.39
N LEU A 145 -18.74 -5.86 -17.00
CA LEU A 145 -17.99 -6.85 -16.24
C LEU A 145 -16.85 -6.21 -15.46
N ASP A 146 -16.34 -5.07 -15.94
CA ASP A 146 -15.31 -4.36 -15.19
C ASP A 146 -15.85 -3.79 -13.89
N LEU A 147 -17.12 -3.40 -13.85
CA LEU A 147 -17.74 -3.00 -12.60
C LEU A 147 -17.64 -4.11 -11.56
N ILE A 148 -18.01 -5.33 -11.95
CA ILE A 148 -17.97 -6.45 -11.01
C ILE A 148 -16.54 -6.81 -10.68
N ARG A 149 -15.63 -6.72 -11.66
CA ARG A 149 -14.23 -7.01 -11.40
C ARG A 149 -13.66 -6.05 -10.37
N ASN A 150 -13.99 -4.77 -10.48
CA ASN A 150 -13.50 -3.78 -9.53
C ASN A 150 -14.22 -3.86 -8.20
N MET A 151 -15.42 -4.44 -8.16
CA MET A 151 -16.09 -4.69 -6.89
C MET A 151 -15.29 -5.66 -6.03
N PHE A 152 -14.51 -6.55 -6.66
CA PHE A 152 -13.69 -7.53 -5.98
C PHE A 152 -12.26 -7.41 -6.50
N PRO A 153 -11.49 -6.45 -5.99
CA PRO A 153 -10.12 -6.27 -6.48
C PRO A 153 -9.25 -7.47 -6.14
N GLU A 154 -8.21 -7.68 -6.95
CA GLU A 154 -7.29 -8.78 -6.70
C GLU A 154 -6.34 -8.48 -5.54
N ASN A 155 -6.01 -7.20 -5.32
CA ASN A 155 -5.10 -6.80 -4.27
C ASN A 155 -5.70 -5.63 -3.51
N LEU A 156 -5.64 -5.70 -2.18
CA LEU A 156 -6.12 -4.60 -1.35
C LEU A 156 -5.23 -3.37 -1.48
N VAL A 157 -3.92 -3.55 -1.39
CA VAL A 157 -3.00 -2.42 -1.46
C VAL A 157 -3.08 -1.76 -2.83
N GLN A 158 -3.15 -2.56 -3.89
CA GLN A 158 -3.30 -2.00 -5.22
C GLN A 158 -4.63 -1.28 -5.38
N ALA A 159 -5.71 -1.84 -4.83
CA ALA A 159 -7.01 -1.18 -4.92
C ALA A 159 -6.99 0.18 -4.24
N ALA A 160 -6.10 0.37 -3.27
CA ALA A 160 -5.99 1.67 -2.62
C ALA A 160 -5.60 2.79 -3.58
N PHE A 161 -4.94 2.46 -4.69
CA PHE A 161 -4.48 3.49 -5.61
C PHE A 161 -4.59 3.10 -7.09
N GLN A 162 -5.19 1.97 -7.43
CA GLN A 162 -5.22 1.52 -8.81
C GLN A 162 -6.55 0.81 -9.11
N GLN A 163 -6.90 0.79 -10.39
CA GLN A 163 -8.15 0.22 -10.86
C GLN A 163 -7.88 -0.73 -12.03
N TYR A 164 -8.85 -1.61 -12.28
CA TYR A 164 -8.71 -2.66 -13.28
C TYR A 164 -9.61 -2.36 -14.47
N LYS A 165 -9.05 -2.49 -15.67
CA LYS A 165 -9.79 -2.28 -16.90
C LYS A 165 -9.39 -3.34 -17.93
N THR A 166 -10.37 -3.85 -18.65
CA THR A 166 -10.16 -4.85 -19.69
C THR A 166 -10.58 -4.30 -21.04
N LYS A 167 -9.89 -4.74 -22.10
CA LYS A 167 -10.14 -4.28 -23.45
C LYS A 167 -9.93 -5.43 -24.43
N ARG A 168 -10.82 -5.52 -25.42
CA ARG A 168 -10.71 -6.56 -26.41
C ARG A 168 -9.58 -6.25 -27.39
N GLU A 169 -8.96 -7.31 -27.91
CA GLU A 169 -7.90 -7.18 -28.89
C GLU A 169 -7.68 -8.55 -29.51
N GLU A 170 -6.82 -8.59 -30.53
CA GLU A 170 -6.57 -9.83 -31.27
C GLU A 170 -5.09 -10.20 -31.22
N TYR A 202 -10.51 -12.83 -30.69
CA TYR A 202 -10.47 -11.63 -29.87
C TYR A 202 -10.29 -11.97 -28.40
N LYS A 203 -9.05 -12.05 -27.93
CA LYS A 203 -8.83 -12.30 -26.51
C LYS A 203 -9.03 -11.03 -25.70
N ILE A 204 -9.29 -11.20 -24.42
CA ILE A 204 -9.46 -10.10 -23.48
C ILE A 204 -8.15 -9.89 -22.74
N VAL A 205 -7.65 -8.66 -22.75
CA VAL A 205 -6.45 -8.29 -22.01
C VAL A 205 -6.83 -7.23 -20.99
N GLY A 206 -6.60 -7.54 -19.72
CA GLY A 206 -6.89 -6.63 -18.62
C GLY A 206 -5.60 -6.15 -17.97
N MET A 207 -5.56 -4.87 -17.64
CA MET A 207 -4.40 -4.29 -16.99
C MET A 207 -4.86 -3.27 -15.95
N TYR A 208 -4.02 -3.03 -14.95
CA TYR A 208 -4.32 -2.09 -13.89
C TYR A 208 -3.81 -0.71 -14.26
N SER A 209 -4.58 0.31 -13.93
CA SER A 209 -4.24 1.69 -14.22
C SER A 209 -4.46 2.53 -12.96
N ASP A 210 -3.87 3.73 -12.97
CA ASP A 210 -3.95 4.59 -11.80
C ASP A 210 -5.39 5.06 -11.58
N GLY A 211 -5.67 5.41 -10.33
CA GLY A 211 -7.01 5.75 -9.91
C GLY A 211 -7.50 4.85 -8.80
N ILE A 212 -7.74 5.42 -7.62
CA ILE A 212 -8.10 4.62 -6.46
C ILE A 212 -9.37 3.84 -6.76
N ASN A 213 -9.38 2.56 -6.41
CA ASN A 213 -10.54 1.70 -6.58
C ASN A 213 -11.46 1.89 -5.37
N VAL A 214 -12.24 2.97 -5.42
CA VAL A 214 -13.10 3.32 -4.29
C VAL A 214 -14.20 2.27 -4.12
N LEU A 215 -14.71 1.73 -5.24
CA LEU A 215 -15.80 0.76 -5.16
C LEU A 215 -15.34 -0.53 -4.49
N GLY A 216 -14.18 -1.05 -4.89
CA GLY A 216 -13.67 -2.26 -4.28
C GLY A 216 -13.34 -2.08 -2.82
N LEU A 217 -12.77 -0.93 -2.46
CA LEU A 217 -12.50 -0.63 -1.06
C LEU A 217 -13.78 -0.55 -0.24
N ILE A 218 -14.84 0.02 -0.83
CA ILE A 218 -16.11 0.12 -0.12
C ILE A 218 -16.67 -1.27 0.16
N VAL A 219 -16.63 -2.15 -0.85
CA VAL A 219 -17.19 -3.50 -0.67
C VAL A 219 -16.42 -4.25 0.41
N PHE A 220 -15.09 -4.20 0.36
CA PHE A 220 -14.29 -4.89 1.37
C PHE A 220 -14.52 -4.29 2.74
N ALA A 221 -14.62 -2.97 2.83
CA ALA A 221 -14.83 -2.32 4.12
C ALA A 221 -16.18 -2.70 4.71
N LEU A 222 -17.22 -2.74 3.89
CA LEU A 222 -18.53 -3.15 4.39
C LEU A 222 -18.51 -4.61 4.84
N VAL A 223 -17.93 -5.48 4.02
CA VAL A 223 -17.85 -6.89 4.38
C VAL A 223 -17.00 -7.06 5.63
N PHE A 224 -15.85 -6.38 5.68
CA PHE A 224 -14.97 -6.50 6.83
C PHE A 224 -15.64 -5.97 8.09
N GLY A 225 -16.33 -4.84 7.99
CA GLY A 225 -17.00 -4.29 9.16
C GLY A 225 -18.14 -5.17 9.64
N LEU A 226 -18.88 -5.78 8.71
CA LEU A 226 -19.91 -6.73 9.10
C LEU A 226 -19.31 -7.91 9.85
N VAL A 227 -18.20 -8.44 9.35
CA VAL A 227 -17.53 -9.56 10.02
C VAL A 227 -17.08 -9.14 11.41
N ILE A 228 -16.49 -7.95 11.53
CA ILE A 228 -16.01 -7.47 12.83
C ILE A 228 -17.16 -7.31 13.81
N GLY A 229 -18.28 -6.76 13.36
CA GLY A 229 -19.42 -6.60 14.26
C GLY A 229 -19.98 -7.92 14.73
N LYS A 230 -20.12 -8.88 13.82
CA LYS A 230 -20.62 -10.20 14.19
C LYS A 230 -19.61 -11.00 15.00
N MET A 231 -18.32 -10.68 14.89
CA MET A 231 -17.30 -11.45 15.59
C MET A 231 -17.33 -11.23 17.10
N GLY A 232 -18.09 -10.24 17.57
CA GLY A 232 -18.23 -10.04 19.00
C GLY A 232 -17.02 -9.41 19.67
N GLU A 233 -16.73 -9.85 20.90
CA GLU A 233 -15.65 -9.25 21.67
C GLU A 233 -14.28 -9.59 21.11
N LYS A 234 -14.17 -10.63 20.28
CA LYS A 234 -12.90 -10.96 19.67
C LYS A 234 -12.44 -9.85 18.74
N GLY A 235 -13.36 -9.24 18.00
CA GLY A 235 -13.07 -8.13 17.12
C GLY A 235 -13.22 -6.76 17.74
N GLN A 236 -13.36 -6.67 19.06
CA GLN A 236 -13.54 -5.38 19.70
C GLN A 236 -12.30 -4.50 19.55
N ILE A 237 -11.12 -5.10 19.50
CA ILE A 237 -9.91 -4.31 19.29
C ILE A 237 -9.96 -3.64 17.93
N LEU A 238 -10.39 -4.38 16.91
CA LEU A 238 -10.50 -3.80 15.57
C LEU A 238 -11.61 -2.77 15.49
N VAL A 239 -12.72 -2.99 16.20
CA VAL A 239 -13.76 -1.97 16.28
C VAL A 239 -13.18 -0.68 16.82
N ASP A 240 -12.46 -0.77 17.95
CA ASP A 240 -11.88 0.42 18.56
C ASP A 240 -10.81 1.04 17.67
N PHE A 241 -10.00 0.21 17.01
CA PHE A 241 -8.96 0.74 16.15
C PHE A 241 -9.56 1.59 15.03
N PHE A 242 -10.59 1.06 14.37
CA PHE A 242 -11.20 1.79 13.26
C PHE A 242 -12.11 2.91 13.74
N ASN A 243 -12.62 2.82 14.97
CA ASN A 243 -13.42 3.91 15.52
C ASN A 243 -12.54 5.12 15.80
N ALA A 244 -11.35 4.88 16.35
CA ALA A 244 -10.40 5.95 16.59
C ALA A 244 -9.85 6.50 15.27
N LEU A 245 -9.63 5.61 14.30
CA LEU A 245 -9.11 6.05 13.01
C LEU A 245 -10.12 6.92 12.27
N SER A 246 -11.41 6.66 12.44
CA SER A 246 -12.42 7.52 11.84
C SER A 246 -12.46 8.87 12.53
N ASP A 247 -12.38 8.90 13.86
CA ASP A 247 -12.34 10.17 14.58
C ASP A 247 -11.12 10.98 14.21
N ALA A 248 -9.96 10.33 14.11
CA ALA A 248 -8.74 11.03 13.75
C ALA A 248 -8.82 11.59 12.33
N THR A 249 -9.38 10.83 11.40
CA THR A 249 -9.50 11.30 10.03
C THR A 249 -10.45 12.50 9.95
N MET A 250 -11.53 12.49 10.73
CA MET A 250 -12.44 13.63 10.75
C MET A 250 -11.76 14.86 11.33
N LYS A 251 -10.91 14.67 12.35
CA LYS A 251 -10.15 15.79 12.89
C LYS A 251 -9.20 16.37 11.85
N ILE A 252 -8.58 15.50 11.04
CA ILE A 252 -7.68 15.99 10.00
C ILE A 252 -8.47 16.77 8.95
N VAL A 253 -9.69 16.31 8.64
CA VAL A 253 -10.55 17.06 7.73
C VAL A 253 -10.87 18.43 8.32
N GLN A 254 -11.13 18.48 9.62
CA GLN A 254 -11.38 19.75 10.28
C GLN A 254 -10.16 20.66 10.19
N ILE A 255 -8.96 20.10 10.32
CA ILE A 255 -7.74 20.88 10.14
C ILE A 255 -7.67 21.41 8.71
N ILE A 256 -8.01 20.57 7.74
CA ILE A 256 -8.03 21.02 6.34
C ILE A 256 -9.02 22.16 6.18
N MET A 257 -10.10 22.16 6.96
CA MET A 257 -11.09 23.22 6.86
C MET A 257 -10.47 24.59 7.11
N TRP A 258 -9.39 24.63 7.89
CA TRP A 258 -8.70 25.90 8.12
C TRP A 258 -8.16 26.48 6.83
N TYR A 259 -7.51 25.65 6.01
CA TYR A 259 -6.96 26.10 4.73
C TYR A 259 -8.01 26.16 3.62
N MET A 260 -9.13 25.46 3.77
CA MET A 260 -10.13 25.40 2.70
C MET A 260 -10.48 26.77 2.13
N PRO A 261 -10.81 27.78 2.93
CA PRO A 261 -11.25 29.06 2.34
C PRO A 261 -10.32 29.58 1.25
N LEU A 262 -9.00 29.63 1.53
CA LEU A 262 -8.06 30.10 0.53
C LEU A 262 -8.03 29.18 -0.68
N GLY A 263 -8.07 27.86 -0.44
CA GLY A 263 -8.08 26.92 -1.55
C GLY A 263 -9.30 27.07 -2.43
N ILE A 264 -10.47 27.29 -1.83
CA ILE A 264 -11.69 27.47 -2.60
C ILE A 264 -11.62 28.78 -3.39
N LEU A 265 -11.05 29.82 -2.80
CA LEU A 265 -10.88 31.08 -3.52
C LEU A 265 -10.14 30.86 -4.83
N PHE A 266 -8.97 30.21 -4.77
CA PHE A 266 -8.17 30.00 -5.96
C PHE A 266 -8.70 28.88 -6.84
N LEU A 267 -9.56 28.02 -6.30
CA LEU A 267 -10.22 27.01 -7.12
C LEU A 267 -11.31 27.62 -7.98
N ILE A 268 -12.14 28.48 -7.39
CA ILE A 268 -13.20 29.14 -8.14
C ILE A 268 -12.60 30.15 -9.11
N ALA A 269 -11.65 30.95 -8.63
CA ALA A 269 -10.99 31.92 -9.51
C ALA A 269 -10.28 31.21 -10.65
N GLY A 270 -9.58 30.12 -10.36
CA GLY A 270 -8.87 29.41 -11.41
C GLY A 270 -9.80 28.88 -12.49
N CYS A 271 -11.00 28.46 -12.10
CA CYS A 271 -11.95 27.96 -13.08
C CYS A 271 -12.37 29.06 -14.04
N ILE A 272 -12.64 30.26 -13.52
CA ILE A 272 -13.12 31.35 -14.37
C ILE A 272 -12.03 31.77 -15.35
N ILE A 273 -10.76 31.72 -14.93
CA ILE A 273 -9.68 32.13 -15.83
C ILE A 273 -9.63 31.21 -17.04
N GLU A 274 -9.83 29.91 -16.84
CA GLU A 274 -9.72 28.96 -17.95
C GLU A 274 -10.82 29.17 -18.99
N VAL A 275 -11.89 29.88 -18.66
CA VAL A 275 -12.93 30.16 -19.64
C VAL A 275 -12.33 31.06 -20.72
N GLU A 276 -12.55 30.69 -21.98
CA GLU A 276 -11.84 31.34 -23.08
C GLU A 276 -12.51 32.67 -23.47
N ASP A 277 -13.76 32.61 -23.95
CA ASP A 277 -14.43 33.81 -24.42
C ASP A 277 -15.89 33.89 -23.98
N TRP A 278 -16.27 33.14 -22.96
CA TRP A 278 -17.63 33.09 -22.41
C TRP A 278 -18.62 32.44 -23.36
N GLU A 279 -18.14 31.96 -24.52
CA GLU A 279 -19.04 31.33 -25.52
C GLU A 279 -19.35 29.89 -25.09
N ILE A 280 -18.43 29.25 -24.34
CA ILE A 280 -18.61 27.86 -23.97
C ILE A 280 -19.79 27.71 -23.02
N PHE A 281 -20.00 28.70 -22.15
CA PHE A 281 -21.15 28.67 -21.27
C PHE A 281 -22.45 28.73 -22.06
N ARG A 282 -22.47 29.54 -23.13
CA ARG A 282 -23.64 29.59 -23.99
C ARG A 282 -23.85 28.24 -24.69
N LYS A 283 -22.77 27.61 -25.16
CA LYS A 283 -22.90 26.32 -25.82
C LYS A 283 -23.40 25.25 -24.86
N LEU A 284 -22.96 25.29 -23.60
CA LEU A 284 -23.37 24.33 -22.59
C LEU A 284 -24.53 24.82 -21.75
N GLY A 285 -25.18 25.91 -22.15
CA GLY A 285 -26.27 26.44 -21.34
C GLY A 285 -27.44 25.47 -21.23
N LEU A 286 -27.80 24.83 -22.35
CA LEU A 286 -28.90 23.87 -22.32
C LEU A 286 -28.54 22.65 -21.48
N TYR A 287 -27.30 22.18 -21.57
CA TYR A 287 -26.86 21.08 -20.72
C TYR A 287 -26.87 21.49 -19.25
N MET A 288 -26.42 22.71 -18.95
CA MET A 288 -26.50 23.22 -17.59
C MET A 288 -27.95 23.29 -17.13
N ALA A 289 -28.84 23.74 -18.00
CA ALA A 289 -30.26 23.79 -17.65
C ALA A 289 -30.80 22.40 -17.33
N THR A 290 -30.43 21.39 -18.13
CA THR A 290 -30.92 20.04 -17.89
C THR A 290 -30.45 19.53 -16.53
N VAL A 291 -29.16 19.69 -16.23
CA VAL A 291 -28.65 19.22 -14.95
C VAL A 291 -29.31 19.98 -13.81
N LEU A 292 -29.41 21.30 -13.94
CA LEU A 292 -29.98 22.11 -12.85
C LEU A 292 -31.45 21.79 -12.62
N THR A 293 -32.22 21.64 -13.70
CA THR A 293 -33.64 21.30 -13.53
C THR A 293 -33.79 19.91 -12.93
N GLY A 294 -32.96 18.97 -13.35
CA GLY A 294 -33.04 17.62 -12.80
C GLY A 294 -32.72 17.61 -11.31
N LEU A 295 -31.66 18.31 -10.92
CA LEU A 295 -31.29 18.38 -9.50
C LEU A 295 -32.37 19.08 -8.71
N ALA A 296 -32.90 20.18 -9.24
CA ALA A 296 -33.98 20.90 -8.57
C ALA A 296 -35.18 19.99 -8.33
N ILE A 297 -35.69 19.36 -9.40
CA ILE A 297 -36.84 18.47 -9.26
C ILE A 297 -36.57 17.41 -8.21
N HIS A 298 -35.40 16.78 -8.27
CA HIS A 298 -35.09 15.70 -7.35
C HIS A 298 -35.08 16.17 -5.90
N SER A 299 -34.51 17.34 -5.64
CA SER A 299 -34.34 17.82 -4.27
C SER A 299 -35.53 18.59 -3.74
N ILE A 300 -36.45 19.03 -4.59
CA ILE A 300 -37.58 19.84 -4.16
C ILE A 300 -38.91 19.13 -4.36
N VAL A 301 -38.95 18.03 -5.11
CA VAL A 301 -40.20 17.30 -5.32
C VAL A 301 -40.03 15.86 -4.86
N ILE A 302 -39.11 15.13 -5.50
CA ILE A 302 -39.02 13.69 -5.26
C ILE A 302 -38.60 13.41 -3.82
N LEU A 303 -37.54 14.07 -3.36
CA LEU A 303 -37.08 13.84 -1.99
C LEU A 303 -38.10 14.30 -0.96
N PRO A 304 -38.65 15.51 -1.03
CA PRO A 304 -39.72 15.86 -0.07
C PRO A 304 -40.92 14.95 -0.16
N LEU A 305 -41.29 14.50 -1.35
CA LEU A 305 -42.46 13.63 -1.50
C LEU A 305 -42.24 12.30 -0.79
N ILE A 306 -41.10 11.66 -1.03
CA ILE A 306 -40.84 10.37 -0.42
C ILE A 306 -40.72 10.50 1.09
N TYR A 307 -40.16 11.61 1.56
CA TYR A 307 -40.12 11.86 3.00
C TYR A 307 -41.52 11.94 3.58
N PHE A 308 -42.44 12.59 2.86
CA PHE A 308 -43.82 12.70 3.34
C PHE A 308 -44.50 11.34 3.41
N ILE A 309 -44.28 10.47 2.42
CA ILE A 309 -44.91 9.16 2.42
C ILE A 309 -44.42 8.34 3.62
N VAL A 310 -43.11 8.32 3.84
CA VAL A 310 -42.57 7.53 4.95
C VAL A 310 -42.71 8.27 6.27
N VAL A 311 -42.41 9.57 6.29
CA VAL A 311 -42.47 10.38 7.50
C VAL A 311 -43.63 11.35 7.33
N ARG A 312 -44.60 11.29 8.24
CA ARG A 312 -45.76 12.19 8.21
C ARG A 312 -45.40 13.52 8.88
N LYS A 313 -44.40 14.19 8.32
CA LYS A 313 -43.94 15.47 8.82
C LYS A 313 -43.58 16.35 7.63
N ASN A 314 -43.48 17.64 7.90
CA ASN A 314 -43.17 18.60 6.85
C ASN A 314 -41.75 18.38 6.35
N PRO A 315 -41.53 18.08 5.06
CA PRO A 315 -40.16 17.86 4.59
C PRO A 315 -39.37 19.16 4.44
N PHE A 316 -40.05 20.24 4.05
CA PHE A 316 -39.35 21.51 3.88
C PHE A 316 -38.89 22.08 5.23
N ARG A 317 -39.65 21.84 6.29
CA ARG A 317 -39.15 22.19 7.63
C ARG A 317 -37.91 21.38 7.95
N PHE A 318 -37.90 20.10 7.57
CA PHE A 318 -36.71 19.29 7.76
C PHE A 318 -35.53 19.88 7.00
N ALA A 319 -35.75 20.32 5.77
CA ALA A 319 -34.68 20.97 5.01
C ALA A 319 -34.26 22.28 5.66
N MET A 320 -35.23 23.07 6.13
CA MET A 320 -34.87 24.32 6.80
C MET A 320 -34.09 24.06 8.08
N GLY A 321 -34.35 22.94 8.74
CA GLY A 321 -33.55 22.59 9.91
C GLY A 321 -32.15 22.13 9.55
N MET A 322 -31.95 21.68 8.31
CA MET A 322 -30.66 21.21 7.85
C MET A 322 -30.08 22.18 6.81
N ALA A 323 -30.42 23.45 6.94
CA ALA A 323 -30.04 24.44 5.93
C ALA A 323 -28.55 24.72 5.96
N GLN A 324 -27.98 24.86 7.17
CA GLN A 324 -26.57 25.18 7.28
C GLN A 324 -25.71 24.11 6.62
N ALA A 325 -26.13 22.84 6.71
CA ALA A 325 -25.37 21.77 6.06
C ALA A 325 -25.46 21.88 4.54
N LEU A 326 -26.65 22.15 4.00
CA LEU A 326 -26.79 22.30 2.56
C LEU A 326 -26.02 23.50 2.05
N LEU A 327 -26.04 24.60 2.81
CA LEU A 327 -25.32 25.80 2.40
C LEU A 327 -23.81 25.53 2.37
N THR A 328 -23.29 24.86 3.40
CA THR A 328 -21.87 24.54 3.45
C THR A 328 -21.49 23.61 2.30
N ALA A 329 -22.36 22.65 1.97
CA ALA A 329 -22.09 21.75 0.87
C ALA A 329 -22.06 22.52 -0.45
N LEU A 330 -22.99 23.47 -0.61
CA LEU A 330 -23.08 24.25 -1.88
C LEU A 330 -21.87 25.19 -2.01
N MET A 331 -21.13 25.38 -0.92
CA MET A 331 -19.96 26.31 -0.95
C MET A 331 -18.68 25.51 -1.11
N ILE A 332 -18.47 24.49 -0.27
CA ILE A 332 -17.22 23.71 -0.31
C ILE A 332 -17.29 22.56 -1.30
N SER A 333 -18.47 22.18 -1.78
CA SER A 333 -18.62 21.12 -2.77
C SER A 333 -18.00 19.80 -2.29
N SER A 334 -18.24 19.47 -1.03
CA SER A 334 -17.76 18.19 -0.49
C SER A 334 -18.78 17.67 0.51
N SER A 335 -19.33 16.50 0.24
CA SER A 335 -20.28 15.88 1.16
C SER A 335 -19.58 15.23 2.35
N SER A 336 -18.28 14.97 2.24
CA SER A 336 -17.52 14.40 3.34
C SER A 336 -16.90 15.47 4.23
N ALA A 337 -16.46 16.58 3.66
CA ALA A 337 -15.93 17.67 4.48
C ALA A 337 -17.02 18.37 5.26
N THR A 338 -18.24 18.40 4.72
CA THR A 338 -19.38 18.99 5.42
C THR A 338 -20.04 18.00 6.38
N LEU A 339 -19.51 16.78 6.48
CA LEU A 339 -20.12 15.77 7.34
C LEU A 339 -20.27 16.24 8.78
N PRO A 340 -19.30 16.91 9.40
CA PRO A 340 -19.54 17.41 10.77
C PRO A 340 -20.72 18.36 10.84
N VAL A 341 -20.90 19.21 9.83
CA VAL A 341 -22.04 20.11 9.81
C VAL A 341 -23.32 19.33 9.64
N THR A 342 -23.31 18.31 8.78
CA THR A 342 -24.48 17.47 8.60
C THR A 342 -24.86 16.76 9.89
N PHE A 343 -23.87 16.23 10.61
CA PHE A 343 -24.13 15.62 11.91
C PHE A 343 -24.77 16.61 12.87
N ARG A 344 -24.17 17.79 13.01
CA ARG A 344 -24.66 18.78 13.96
C ARG A 344 -26.08 19.22 13.63
N CYS A 345 -26.35 19.52 12.35
CA CYS A 345 -27.69 19.98 11.98
C CYS A 345 -28.74 18.91 12.27
N ALA A 346 -28.50 17.68 11.80
CA ALA A 346 -29.50 16.62 11.97
C ALA A 346 -29.73 16.32 13.44
N GLU A 347 -28.67 16.27 14.24
CA GLU A 347 -28.81 15.88 15.64
C GLU A 347 -29.40 16.99 16.49
N GLU A 348 -29.02 18.25 16.25
CA GLU A 348 -29.46 19.36 17.10
C GLU A 348 -30.79 19.94 16.61
N ASN A 349 -30.83 20.42 15.37
CA ASN A 349 -32.01 21.15 14.91
C ASN A 349 -33.18 20.21 14.68
N ASN A 350 -32.93 19.04 14.10
CA ASN A 350 -33.98 18.09 13.79
C ASN A 350 -34.19 17.04 14.88
N GLN A 351 -33.36 17.04 15.92
CA GLN A 351 -33.53 16.12 17.05
C GLN A 351 -33.57 14.68 16.58
N VAL A 352 -32.72 14.34 15.62
CA VAL A 352 -32.64 12.98 15.10
C VAL A 352 -31.82 12.12 16.05
N ASP A 353 -32.23 10.85 16.19
CA ASP A 353 -31.55 9.94 17.09
C ASP A 353 -30.10 9.74 16.66
N LYS A 354 -29.19 9.73 17.63
CA LYS A 354 -27.76 9.60 17.31
C LYS A 354 -27.44 8.20 16.81
N ARG A 355 -28.19 7.18 17.24
CA ARG A 355 -27.84 5.81 16.87
C ARG A 355 -27.99 5.58 15.38
N ILE A 356 -29.06 6.11 14.78
CA ILE A 356 -29.26 5.91 13.34
C ILE A 356 -28.45 6.93 12.55
N THR A 357 -28.23 8.12 13.09
CA THR A 357 -27.44 9.12 12.37
C THR A 357 -26.01 8.67 12.19
N ARG A 358 -25.41 8.09 13.24
CA ARG A 358 -24.01 7.70 13.18
C ARG A 358 -23.73 6.66 12.10
N PHE A 359 -24.74 5.96 11.61
CA PHE A 359 -24.57 5.04 10.49
C PHE A 359 -25.04 5.62 9.16
N VAL A 360 -26.18 6.30 9.16
CA VAL A 360 -26.77 6.74 7.90
C VAL A 360 -25.92 7.85 7.28
N LEU A 361 -25.46 8.80 8.09
CA LEU A 361 -24.77 9.97 7.54
C LEU A 361 -23.39 9.60 7.00
N PRO A 362 -22.49 9.00 7.79
CA PRO A 362 -21.14 8.77 7.25
C PRO A 362 -21.11 7.77 6.12
N VAL A 363 -21.95 6.74 6.18
CA VAL A 363 -22.00 5.78 5.09
C VAL A 363 -22.62 6.42 3.85
N GLY A 364 -23.73 7.13 4.02
CA GLY A 364 -24.38 7.79 2.90
C GLY A 364 -23.58 8.91 2.30
N ALA A 365 -22.63 9.48 3.05
CA ALA A 365 -21.77 10.52 2.50
C ALA A 365 -20.92 10.01 1.34
N THR A 366 -20.73 8.69 1.24
CA THR A 366 -19.88 8.10 0.22
C THR A 366 -20.64 7.23 -0.76
N ILE A 367 -21.67 6.51 -0.32
CA ILE A 367 -22.40 5.62 -1.22
C ILE A 367 -23.55 6.42 -1.82
N ASN A 368 -24.38 6.98 -0.96
CA ASN A 368 -25.55 7.72 -1.41
C ASN A 368 -25.17 9.09 -1.98
N MET A 369 -24.95 9.11 -3.31
CA MET A 369 -24.67 10.38 -4.02
C MET A 369 -25.71 10.47 -5.14
N ASP A 370 -26.85 11.11 -4.89
CA ASP A 370 -27.94 11.12 -5.84
C ASP A 370 -27.73 12.17 -6.92
N GLY A 371 -27.34 13.39 -6.52
CA GLY A 371 -27.11 14.42 -7.51
C GLY A 371 -25.99 14.07 -8.45
N THR A 372 -24.93 13.43 -7.93
CA THR A 372 -23.86 12.96 -8.80
C THR A 372 -24.37 11.93 -9.77
N ALA A 373 -25.24 11.02 -9.31
CA ALA A 373 -25.80 10.02 -10.21
C ALA A 373 -26.61 10.68 -11.31
N LEU A 374 -27.45 11.67 -10.95
CA LEU A 374 -28.20 12.40 -11.95
C LEU A 374 -27.27 13.12 -12.91
N TYR A 375 -26.24 13.77 -12.37
CA TYR A 375 -25.29 14.50 -13.21
C TYR A 375 -24.53 13.57 -14.14
N GLU A 376 -24.11 12.40 -13.64
CA GLU A 376 -23.40 11.45 -14.48
C GLU A 376 -24.27 10.99 -15.65
N ALA A 377 -25.53 10.63 -15.37
CA ALA A 377 -26.41 10.19 -16.44
C ALA A 377 -26.64 11.29 -17.47
N VAL A 378 -26.97 12.50 -17.01
CA VAL A 378 -27.27 13.59 -17.92
C VAL A 378 -26.04 13.94 -18.75
N ALA A 379 -24.87 13.99 -18.10
CA ALA A 379 -23.65 14.39 -18.82
C ALA A 379 -23.22 13.33 -19.82
N ALA A 380 -23.34 12.06 -19.46
CA ALA A 380 -22.97 11.00 -20.40
C ALA A 380 -23.88 11.04 -21.63
N VAL A 381 -25.18 11.17 -21.43
CA VAL A 381 -26.10 11.22 -22.56
C VAL A 381 -25.85 12.49 -23.38
N PHE A 382 -25.54 13.60 -22.70
CA PHE A 382 -25.32 14.85 -23.41
C PHE A 382 -24.07 14.79 -24.28
N ILE A 383 -22.99 14.20 -23.76
CA ILE A 383 -21.79 14.05 -24.56
C ILE A 383 -22.05 13.14 -25.75
N ALA A 384 -22.77 12.03 -25.52
CA ALA A 384 -23.16 11.16 -26.61
C ALA A 384 -23.95 11.93 -27.67
N GLN A 385 -24.93 12.72 -27.22
CA GLN A 385 -25.71 13.52 -28.16
C GLN A 385 -24.82 14.47 -28.95
N LEU A 386 -23.80 15.04 -28.29
CA LEU A 386 -22.86 15.90 -29.01
C LEU A 386 -22.16 15.14 -30.10
N ASN A 387 -21.79 13.88 -29.84
CA ASN A 387 -21.11 13.04 -30.82
C ASN A 387 -22.05 12.46 -31.86
N ASP A 388 -23.36 12.75 -31.77
CA ASP A 388 -24.33 12.29 -32.75
C ASP A 388 -24.37 10.76 -32.81
N LEU A 389 -24.39 10.13 -31.63
CA LEU A 389 -24.51 8.69 -31.51
C LEU A 389 -25.88 8.38 -30.92
N ASP A 390 -26.74 7.77 -31.73
CA ASP A 390 -28.11 7.52 -31.30
C ASP A 390 -28.14 6.39 -30.27
N LEU A 391 -28.74 6.66 -29.12
CA LEU A 391 -28.71 5.72 -28.01
C LEU A 391 -29.91 4.79 -28.07
N GLY A 392 -29.65 3.49 -28.07
CA GLY A 392 -30.70 2.50 -28.02
C GLY A 392 -31.19 2.28 -26.60
N ILE A 393 -32.07 1.30 -26.46
CA ILE A 393 -32.59 0.97 -25.13
C ILE A 393 -31.47 0.37 -24.28
N GLY A 394 -30.71 -0.57 -24.85
CA GLY A 394 -29.62 -1.17 -24.10
C GLY A 394 -28.55 -0.16 -23.73
N GLN A 395 -28.27 0.79 -24.63
CA GLN A 395 -27.31 1.84 -24.31
C GLN A 395 -27.80 2.69 -23.14
N ILE A 396 -29.10 3.00 -23.11
CA ILE A 396 -29.65 3.75 -21.99
C ILE A 396 -29.53 2.94 -20.70
N ILE A 397 -29.83 1.64 -20.78
CA ILE A 397 -29.78 0.79 -19.59
C ILE A 397 -28.36 0.71 -19.06
N THR A 398 -27.39 0.52 -19.94
CA THR A 398 -25.99 0.41 -19.50
C THR A 398 -25.49 1.73 -18.94
N ILE A 399 -25.96 2.85 -19.49
CA ILE A 399 -25.63 4.16 -18.94
C ILE A 399 -26.19 4.30 -17.53
N SER A 400 -27.43 3.84 -17.32
CA SER A 400 -28.05 3.93 -16.00
C SER A 400 -27.26 3.14 -14.96
N ILE A 401 -26.88 1.91 -15.29
CA ILE A 401 -26.17 1.09 -14.32
C ILE A 401 -24.81 1.69 -14.01
N THR A 402 -24.08 2.12 -15.03
CA THR A 402 -22.75 2.69 -14.80
C THR A 402 -22.82 4.02 -14.08
N ALA A 403 -23.89 4.80 -14.31
CA ALA A 403 -24.04 6.05 -13.57
C ALA A 403 -24.32 5.79 -12.10
N THR A 404 -25.13 4.78 -11.80
CA THR A 404 -25.35 4.38 -10.42
C THR A 404 -24.04 3.92 -9.77
N SER A 405 -23.28 3.09 -10.48
CA SER A 405 -22.00 2.64 -9.97
C SER A 405 -21.02 3.81 -9.81
N ALA A 406 -21.02 4.74 -10.76
CA ALA A 406 -20.11 5.87 -10.69
C ALA A 406 -20.42 6.77 -9.50
N SER A 407 -21.70 7.01 -9.23
CA SER A 407 -22.06 7.78 -8.05
C SER A 407 -21.65 7.05 -6.77
N ILE A 408 -21.83 5.73 -6.75
CA ILE A 408 -21.38 4.95 -5.59
C ILE A 408 -19.86 5.00 -5.47
N GLY A 409 -19.14 4.87 -6.58
CA GLY A 409 -17.70 4.80 -6.55
C GLY A 409 -16.98 6.14 -6.48
N ALA A 410 -17.70 7.25 -6.58
CA ALA A 410 -17.10 8.56 -6.51
C ALA A 410 -17.02 9.02 -5.07
N ALA A 411 -15.95 9.73 -4.73
CA ALA A 411 -15.72 10.16 -3.36
C ALA A 411 -16.51 11.44 -3.05
N GLY A 412 -16.44 11.86 -1.79
CA GLY A 412 -17.11 13.09 -1.37
C GLY A 412 -16.20 14.31 -1.42
N VAL A 413 -15.42 14.43 -2.49
CA VAL A 413 -14.44 15.51 -2.61
C VAL A 413 -14.89 16.42 -3.76
N PRO A 414 -14.36 17.66 -3.87
CA PRO A 414 -14.68 18.49 -5.02
C PRO A 414 -14.12 17.78 -6.26
N GLN A 415 -14.91 17.72 -7.35
CA GLN A 415 -14.39 17.15 -8.63
C GLN A 415 -14.40 15.62 -8.62
N ALA A 416 -14.94 14.96 -7.58
CA ALA A 416 -15.07 13.52 -7.62
C ALA A 416 -15.95 13.07 -8.78
N GLY A 417 -16.89 13.92 -9.20
CA GLY A 417 -17.77 13.54 -10.29
C GLY A 417 -17.03 13.30 -11.59
N LEU A 418 -15.98 14.09 -11.84
CA LEU A 418 -15.24 13.97 -13.08
C LEU A 418 -14.31 12.77 -13.09
N VAL A 419 -13.89 12.30 -11.91
CA VAL A 419 -12.89 11.19 -11.86
C VAL A 419 -13.55 9.89 -12.32
N THR A 420 -14.79 9.65 -11.91
CA THR A 420 -15.51 8.44 -12.29
C THR A 420 -16.36 8.62 -13.53
N MET A 421 -16.31 9.80 -14.16
CA MET A 421 -17.11 10.03 -15.35
C MET A 421 -16.58 9.23 -16.53
N VAL A 422 -15.27 9.00 -16.58
CA VAL A 422 -14.69 8.27 -17.69
C VAL A 422 -15.25 6.86 -17.77
N ILE A 423 -15.57 6.26 -16.63
CA ILE A 423 -16.11 4.90 -16.63
C ILE A 423 -17.44 4.86 -17.36
N VAL A 424 -18.36 5.76 -17.01
CA VAL A 424 -19.67 5.76 -17.65
C VAL A 424 -19.56 6.17 -19.11
N LEU A 425 -18.62 7.06 -19.44
CA LEU A 425 -18.40 7.42 -20.83
C LEU A 425 -17.92 6.22 -21.64
N SER A 426 -16.98 5.46 -21.10
CA SER A 426 -16.47 4.29 -21.81
C SER A 426 -17.48 3.14 -21.84
N ALA A 427 -18.52 3.20 -21.02
CA ALA A 427 -19.57 2.19 -21.08
C ALA A 427 -20.21 2.12 -22.46
N VAL A 428 -20.36 3.28 -23.11
CA VAL A 428 -20.94 3.35 -24.44
C VAL A 428 -19.88 3.57 -25.52
N GLY A 429 -18.61 3.28 -25.20
CA GLY A 429 -17.54 3.41 -26.16
C GLY A 429 -17.08 4.82 -26.44
N LEU A 430 -17.57 5.80 -25.71
CA LEU A 430 -17.16 7.18 -25.94
C LEU A 430 -15.70 7.37 -25.52
N PRO A 431 -14.98 8.27 -26.18
CA PRO A 431 -13.57 8.50 -25.79
C PRO A 431 -13.47 8.99 -24.36
N ALA A 432 -12.39 8.58 -23.69
CA ALA A 432 -12.18 8.98 -22.30
C ALA A 432 -11.99 10.48 -22.18
N GLU A 433 -11.26 11.08 -23.13
CA GLU A 433 -10.98 12.51 -23.09
C GLU A 433 -12.20 13.37 -23.43
N ASP A 434 -13.36 12.77 -23.69
CA ASP A 434 -14.55 13.56 -23.98
C ASP A 434 -15.11 14.27 -22.75
N VAL A 435 -14.58 13.97 -21.56
CA VAL A 435 -14.98 14.70 -20.37
C VAL A 435 -14.66 16.18 -20.51
N THR A 436 -13.67 16.51 -21.33
CA THR A 436 -13.28 17.91 -21.50
C THR A 436 -14.39 18.76 -22.11
N LEU A 437 -15.39 18.13 -22.71
CA LEU A 437 -16.50 18.87 -23.31
C LEU A 437 -17.40 19.53 -22.28
N ILE A 438 -17.31 19.17 -21.00
CA ILE A 438 -18.17 19.76 -19.98
C ILE A 438 -17.35 20.20 -18.77
N ILE A 439 -16.04 20.30 -18.94
CA ILE A 439 -15.17 20.69 -17.82
C ILE A 439 -15.39 22.16 -17.47
N ALA A 440 -15.61 23.01 -18.48
CA ALA A 440 -15.58 24.44 -18.25
C ALA A 440 -16.63 24.86 -17.22
N VAL A 441 -17.82 24.28 -17.28
CA VAL A 441 -18.92 24.67 -16.42
C VAL A 441 -19.09 23.71 -15.24
N ASP A 442 -18.03 22.98 -14.88
CA ASP A 442 -18.19 21.89 -13.92
C ASP A 442 -18.34 22.41 -12.49
N CYS A 443 -17.76 23.57 -12.17
CA CYS A 443 -17.74 24.02 -10.78
C CYS A 443 -19.14 24.31 -10.28
N LEU A 444 -19.94 25.04 -11.06
CA LEU A 444 -21.29 25.37 -10.63
C LEU A 444 -22.13 24.11 -10.48
N LEU A 445 -22.08 23.24 -11.48
CA LEU A 445 -22.83 21.98 -11.43
C LEU A 445 -22.33 21.09 -10.30
N ASP A 446 -21.02 21.10 -10.07
CA ASP A 446 -20.45 20.30 -8.99
C ASP A 446 -20.95 20.75 -7.63
N ARG A 447 -21.05 22.07 -7.42
CA ARG A 447 -21.50 22.60 -6.11
C ARG A 447 -22.96 22.21 -5.87
N PHE A 448 -23.81 22.36 -6.88
CA PHE A 448 -25.23 22.02 -6.73
C PHE A 448 -25.42 20.52 -6.53
N ARG A 449 -24.78 19.70 -7.36
CA ARG A 449 -24.97 18.26 -7.24
C ARG A 449 -24.51 17.76 -5.87
N THR A 450 -23.53 18.43 -5.27
CA THR A 450 -23.09 18.08 -3.93
C THR A 450 -24.14 18.48 -2.91
N MET A 451 -24.71 19.67 -3.06
CA MET A 451 -25.75 20.11 -2.12
C MET A 451 -26.89 19.10 -2.05
N VAL A 452 -27.37 18.66 -3.21
CA VAL A 452 -28.44 17.66 -3.23
C VAL A 452 -27.93 16.32 -2.74
N ASN A 453 -26.64 16.05 -2.93
CA ASN A 453 -26.07 14.79 -2.45
C ASN A 453 -26.21 14.70 -0.94
N VAL A 454 -25.88 15.78 -0.24
CA VAL A 454 -26.03 15.80 1.21
C VAL A 454 -27.50 15.79 1.60
N LEU A 455 -28.34 16.48 0.83
CA LEU A 455 -29.77 16.51 1.12
C LEU A 455 -30.38 15.12 1.04
N GLY A 456 -29.90 14.30 0.11
CA GLY A 456 -30.41 12.94 0.03
C GLY A 456 -30.15 12.18 1.32
N ASP A 457 -28.93 12.28 1.84
CA ASP A 457 -28.60 11.66 3.12
C ASP A 457 -29.40 12.29 4.25
N ALA A 458 -29.59 13.60 4.19
CA ALA A 458 -30.33 14.31 5.23
C ALA A 458 -31.74 13.74 5.38
N PHE A 459 -32.45 13.56 4.28
CA PHE A 459 -33.77 12.98 4.33
C PHE A 459 -33.72 11.52 4.77
N GLY A 460 -32.68 10.79 4.37
CA GLY A 460 -32.57 9.40 4.76
C GLY A 460 -32.47 9.22 6.26
N THR A 461 -31.80 10.13 6.96
CA THR A 461 -31.71 10.02 8.41
C THR A 461 -33.09 10.00 9.04
N GLY A 462 -33.94 10.98 8.73
CA GLY A 462 -35.27 11.01 9.30
C GLY A 462 -36.12 9.85 8.81
N ILE A 463 -35.99 9.50 7.53
CA ILE A 463 -36.79 8.42 6.97
C ILE A 463 -36.43 7.09 7.62
N VAL A 464 -35.13 6.82 7.80
CA VAL A 464 -34.71 5.59 8.43
C VAL A 464 -35.14 5.56 9.90
N GLU A 465 -35.11 6.72 10.55
CA GLU A 465 -35.60 6.81 11.94
C GLU A 465 -37.07 6.42 12.03
N LYS A 466 -37.89 6.94 11.13
CA LYS A 466 -39.31 6.62 11.13
C LYS A 466 -39.54 5.14 10.83
N LEU A 467 -38.78 4.59 9.88
CA LEU A 467 -38.92 3.19 9.50
C LEU A 467 -38.39 2.24 10.57
N SER A 468 -37.69 2.76 11.58
CA SER A 468 -37.10 1.94 12.63
C SER A 468 -37.50 2.46 14.01
N LYS A 469 -38.69 3.06 14.10
CA LYS A 469 -39.16 3.60 15.37
C LYS A 469 -39.22 2.50 16.42
N LYS A 470 -39.79 1.33 16.06
CA LYS A 470 -39.92 0.24 17.00
C LYS A 470 -38.56 -0.26 17.46
N GLU A 471 -37.59 -0.34 16.55
CA GLU A 471 -36.27 -0.87 16.90
C GLU A 471 -35.55 0.03 17.88
N LEU A 472 -35.67 1.34 17.71
CA LEU A 472 -35.02 2.28 18.62
C LEU A 472 -35.77 2.36 19.95
N ASN B 19 31.21 -8.22 27.03
CA ASN B 19 31.60 -6.90 26.55
C ASN B 19 30.66 -6.44 25.44
N ASN B 20 30.84 -5.19 25.00
CA ASN B 20 30.06 -4.68 23.88
C ASN B 20 30.58 -5.27 22.58
N TRP B 21 29.66 -5.60 21.68
CA TRP B 21 29.98 -6.25 20.41
C TRP B 21 29.75 -5.37 19.19
N VAL B 22 28.77 -4.47 19.23
CA VAL B 22 28.40 -3.70 18.05
C VAL B 22 29.58 -2.86 17.59
N LEU B 23 29.96 -1.86 18.37
CA LEU B 23 31.02 -0.95 17.95
C LEU B 23 32.24 -1.72 17.45
N LEU B 24 32.68 -2.70 18.23
CA LEU B 24 33.87 -3.45 17.85
C LEU B 24 33.64 -4.18 16.53
N SER B 25 32.59 -5.01 16.49
CA SER B 25 32.28 -5.76 15.27
C SER B 25 32.26 -4.86 14.05
N THR B 26 31.67 -3.67 14.18
CA THR B 26 31.58 -2.77 13.03
C THR B 26 32.93 -2.15 12.70
N VAL B 27 33.73 -1.84 13.72
CA VAL B 27 35.08 -1.32 13.45
C VAL B 27 35.90 -2.37 12.74
N ALA B 28 35.82 -3.63 13.19
CA ALA B 28 36.52 -4.70 12.51
C ALA B 28 36.00 -4.86 11.09
N ALA B 29 34.69 -4.71 10.90
CA ALA B 29 34.10 -4.79 9.57
C ALA B 29 34.65 -3.69 8.65
N VAL B 30 34.77 -2.47 9.17
CA VAL B 30 35.24 -1.36 8.34
C VAL B 30 36.69 -1.59 7.92
N VAL B 31 37.55 -2.00 8.86
CA VAL B 31 38.95 -2.20 8.53
C VAL B 31 39.10 -3.40 7.60
N LEU B 32 38.31 -4.45 7.81
CA LEU B 32 38.33 -5.59 6.91
C LEU B 32 37.85 -5.20 5.52
N GLY B 33 36.87 -4.29 5.45
CA GLY B 33 36.43 -3.80 4.15
C GLY B 33 37.50 -3.04 3.41
N ILE B 34 38.24 -2.17 4.12
CA ILE B 34 39.35 -1.45 3.50
C ILE B 34 40.37 -2.43 2.94
N THR B 35 40.81 -3.38 3.78
CA THR B 35 41.83 -4.32 3.34
C THR B 35 41.33 -5.19 2.19
N THR B 36 40.09 -5.68 2.30
CA THR B 36 39.53 -6.51 1.23
C THR B 36 39.41 -5.73 -0.06
N GLY B 37 38.94 -4.48 0.01
CA GLY B 37 38.82 -3.67 -1.19
C GLY B 37 40.15 -3.42 -1.86
N VAL B 38 41.14 -2.98 -1.08
CA VAL B 38 42.46 -2.70 -1.64
C VAL B 38 43.04 -3.95 -2.29
N LEU B 39 43.09 -5.05 -1.54
CA LEU B 39 43.71 -6.27 -2.04
C LEU B 39 42.98 -6.79 -3.28
N VAL B 40 41.66 -6.81 -3.26
CA VAL B 40 40.90 -7.33 -4.39
C VAL B 40 41.06 -6.43 -5.60
N ARG B 41 41.11 -5.12 -5.40
CA ARG B 41 41.21 -4.19 -6.52
C ARG B 41 42.55 -4.31 -7.23
N GLU B 42 43.62 -4.54 -6.49
CA GLU B 42 44.96 -4.56 -7.06
C GLU B 42 45.39 -5.96 -7.50
N HIS B 43 45.44 -6.90 -6.55
CA HIS B 43 45.91 -8.24 -6.89
C HIS B 43 45.06 -8.89 -7.96
N SER B 44 43.75 -8.70 -7.90
CA SER B 44 42.81 -9.33 -8.82
C SER B 44 42.21 -8.29 -9.75
N ASN B 45 41.63 -8.78 -10.84
CA ASN B 45 40.94 -7.94 -11.82
C ASN B 45 39.56 -8.54 -12.04
N LEU B 46 38.53 -7.82 -11.61
CA LEU B 46 37.15 -8.31 -11.67
C LEU B 46 36.38 -7.55 -12.74
N SER B 47 35.55 -8.29 -13.48
CA SER B 47 34.68 -7.68 -14.47
C SER B 47 33.50 -6.99 -13.78
N THR B 48 32.79 -6.16 -14.55
CA THR B 48 31.61 -5.49 -14.01
C THR B 48 30.68 -6.49 -13.33
N LEU B 49 30.51 -7.68 -13.92
CA LEU B 49 29.67 -8.70 -13.32
C LEU B 49 30.15 -9.04 -11.91
N GLU B 50 31.39 -9.54 -11.81
CA GLU B 50 31.92 -9.93 -10.51
C GLU B 50 31.99 -8.76 -9.54
N LYS B 51 32.22 -7.55 -10.04
CA LYS B 51 32.21 -6.39 -9.16
C LYS B 51 30.84 -6.19 -8.54
N PHE B 52 29.77 -6.34 -9.33
CA PHE B 52 28.43 -6.21 -8.79
C PHE B 52 28.09 -7.36 -7.85
N TYR B 53 28.47 -8.58 -8.22
CA TYR B 53 28.17 -9.73 -7.38
C TYR B 53 29.01 -9.75 -6.10
N PHE B 54 30.14 -9.06 -6.08
CA PHE B 54 30.95 -9.02 -4.87
C PHE B 54 30.33 -8.16 -3.79
N ALA B 55 29.48 -7.21 -4.17
CA ALA B 55 28.82 -6.33 -3.21
C ALA B 55 27.42 -6.80 -2.86
N PHE B 56 27.06 -8.03 -3.23
CA PHE B 56 25.70 -8.49 -2.98
C PHE B 56 25.35 -8.53 -1.49
N PRO B 57 26.20 -9.02 -0.59
CA PRO B 57 25.84 -8.96 0.84
C PRO B 57 25.56 -7.55 1.30
N GLY B 58 26.35 -6.57 0.84
CA GLY B 58 26.05 -5.18 1.15
C GLY B 58 24.74 -4.73 0.53
N GLU B 59 24.44 -5.21 -0.68
CA GLU B 59 23.16 -4.89 -1.32
C GLU B 59 21.99 -5.41 -0.48
N ILE B 60 22.12 -6.62 0.06
CA ILE B 60 21.04 -7.17 0.88
C ILE B 60 20.86 -6.35 2.14
N LEU B 61 21.96 -5.86 2.72
CA LEU B 61 21.85 -4.96 3.87
C LEU B 61 21.06 -3.71 3.51
N MET B 62 21.33 -3.14 2.34
CA MET B 62 20.55 -1.98 1.90
C MET B 62 19.09 -2.32 1.71
N ARG B 63 18.78 -3.49 1.18
CA ARG B 63 17.39 -3.88 1.02
C ARG B 63 16.69 -3.97 2.37
N MET B 64 17.35 -4.57 3.36
CA MET B 64 16.75 -4.69 4.68
C MET B 64 16.54 -3.33 5.33
N LEU B 65 17.56 -2.47 5.26
CA LEU B 65 17.44 -1.14 5.86
C LEU B 65 16.37 -0.29 5.19
N LYS B 66 16.31 -0.34 3.85
CA LYS B 66 15.27 0.39 3.14
C LYS B 66 13.89 -0.17 3.44
N LEU B 67 13.79 -1.47 3.72
CA LEU B 67 12.53 -2.05 4.14
C LEU B 67 12.03 -1.42 5.44
N ILE B 68 12.91 -1.25 6.41
CA ILE B 68 12.51 -0.71 7.72
C ILE B 68 12.25 0.78 7.70
N ILE B 69 12.63 1.48 6.62
CA ILE B 69 12.44 2.92 6.55
C ILE B 69 11.00 3.28 6.88
N LEU B 70 10.05 2.74 6.12
CA LEU B 70 8.68 3.26 6.20
C LEU B 70 8.05 3.02 7.56
N PRO B 71 8.01 1.79 8.10
CA PRO B 71 7.43 1.63 9.44
C PRO B 71 8.15 2.42 10.51
N LEU B 72 9.48 2.52 10.40
CA LEU B 72 10.26 3.27 11.38
C LEU B 72 9.84 4.74 11.41
N ILE B 73 9.80 5.38 10.24
CA ILE B 73 9.46 6.79 10.19
C ILE B 73 8.03 7.02 10.67
N ILE B 74 7.08 6.26 10.12
CA ILE B 74 5.67 6.48 10.45
C ILE B 74 5.46 6.36 11.95
N SER B 75 5.95 5.27 12.54
CA SER B 75 5.73 5.04 13.97
C SER B 75 6.48 6.07 14.81
N SER B 76 7.70 6.41 14.40
CA SER B 76 8.51 7.35 15.17
C SER B 76 7.86 8.73 15.22
N MET B 77 7.44 9.25 14.08
CA MET B 77 6.81 10.58 14.06
C MET B 77 5.53 10.59 14.88
N ILE B 78 4.66 9.59 14.66
CA ILE B 78 3.37 9.57 15.34
C ILE B 78 3.58 9.44 16.85
N THR B 79 4.45 8.51 17.25
CA THR B 79 4.70 8.30 18.67
C THR B 79 5.35 9.54 19.30
N GLY B 80 6.31 10.14 18.61
CA GLY B 80 7.00 11.29 19.18
C GLY B 80 6.09 12.48 19.44
N VAL B 81 5.26 12.83 18.46
CA VAL B 81 4.39 13.99 18.61
C VAL B 81 3.12 13.67 19.39
N ALA B 82 2.77 12.40 19.54
CA ALA B 82 1.62 12.05 20.36
C ALA B 82 1.97 12.02 21.84
N ALA B 83 3.23 11.77 22.18
CA ALA B 83 3.65 11.84 23.56
C ALA B 83 3.49 13.25 24.12
N LEU B 84 3.79 14.26 23.31
CA LEU B 84 3.66 15.66 23.70
C LEU B 84 2.21 16.11 23.54
N ASP B 85 1.31 15.40 24.22
CA ASP B 85 -0.11 15.68 24.07
C ASP B 85 -0.49 17.02 24.68
N SER B 86 0.08 17.34 25.83
CA SER B 86 -0.33 18.54 26.57
C SER B 86 0.05 19.80 25.80
N ASN B 87 -0.78 20.84 25.96
CA ASN B 87 -0.47 22.13 25.34
C ASN B 87 0.84 22.69 25.88
N VAL B 88 1.08 22.55 27.18
CA VAL B 88 2.36 22.96 27.74
C VAL B 88 3.47 22.12 27.14
N SER B 89 3.25 20.81 27.02
CA SER B 89 4.26 19.94 26.41
C SER B 89 4.48 20.26 24.94
N GLY B 90 3.52 20.91 24.28
CA GLY B 90 3.70 21.29 22.89
C GLY B 90 4.76 22.34 22.69
N LYS B 91 5.11 23.09 23.74
CA LYS B 91 6.23 24.03 23.65
C LYS B 91 7.53 23.29 23.40
N ILE B 92 7.67 22.10 23.98
CA ILE B 92 8.84 21.28 23.74
C ILE B 92 8.95 20.95 22.25
N GLY B 93 7.84 20.56 21.64
CA GLY B 93 7.85 20.28 20.22
C GLY B 93 8.16 21.51 19.38
N LEU B 94 7.62 22.67 19.78
CA LEU B 94 7.89 23.90 19.05
C LEU B 94 9.37 24.26 19.10
N ARG B 95 9.99 24.15 20.28
CA ARG B 95 11.41 24.42 20.40
C ARG B 95 12.23 23.44 19.55
N ALA B 96 11.84 22.17 19.54
CA ALA B 96 12.57 21.18 18.76
C ALA B 96 12.52 21.48 17.28
N VAL B 97 11.34 21.84 16.76
CA VAL B 97 11.21 22.05 15.31
C VAL B 97 11.96 23.30 14.89
N VAL B 98 11.91 24.35 15.70
CA VAL B 98 12.62 25.57 15.33
C VAL B 98 14.13 25.35 15.38
N TYR B 99 14.60 24.57 16.35
CA TYR B 99 16.02 24.22 16.39
C TYR B 99 16.41 23.41 15.15
N TYR B 100 15.60 22.41 14.78
CA TYR B 100 15.91 21.62 13.60
C TYR B 100 16.05 22.51 12.37
N PHE B 101 15.04 23.35 12.12
CA PHE B 101 15.07 24.19 10.94
C PHE B 101 16.23 25.18 10.99
N ALA B 102 16.45 25.82 12.13
CA ALA B 102 17.50 26.83 12.24
C ALA B 102 18.87 26.22 11.99
N THR B 103 19.15 25.07 12.61
CA THR B 103 20.48 24.47 12.47
C THR B 103 20.68 23.94 11.05
N THR B 104 19.64 23.35 10.46
CA THR B 104 19.74 22.89 9.08
C THR B 104 19.97 24.06 8.13
N LEU B 105 19.29 25.18 8.35
CA LEU B 105 19.50 26.35 7.52
C LEU B 105 20.94 26.87 7.65
N ILE B 106 21.47 26.88 8.87
CA ILE B 106 22.85 27.30 9.06
C ILE B 106 23.80 26.38 8.30
N ALA B 107 23.54 25.06 8.35
CA ALA B 107 24.38 24.11 7.64
C ALA B 107 24.35 24.35 6.13
N VAL B 108 23.16 24.59 5.58
CA VAL B 108 23.05 24.85 4.14
C VAL B 108 23.80 26.11 3.77
N ILE B 109 23.66 27.16 4.57
CA ILE B 109 24.35 28.41 4.29
C ILE B 109 25.85 28.21 4.33
N LEU B 110 26.34 27.51 5.35
CA LEU B 110 27.78 27.27 5.46
C LEU B 110 28.29 26.46 4.28
N GLY B 111 27.56 25.42 3.87
CA GLY B 111 27.99 24.63 2.74
C GLY B 111 28.04 25.43 1.45
N ILE B 112 27.00 26.24 1.20
CA ILE B 112 26.97 27.05 -0.01
C ILE B 112 28.10 28.06 -0.01
N VAL B 113 28.34 28.71 1.12
CA VAL B 113 29.41 29.71 1.19
C VAL B 113 30.76 29.06 0.93
N LEU B 114 31.00 27.90 1.54
CA LEU B 114 32.29 27.23 1.36
C LEU B 114 32.49 26.77 -0.08
N VAL B 115 31.46 26.20 -0.69
CA VAL B 115 31.62 25.69 -2.05
C VAL B 115 31.75 26.83 -3.04
N VAL B 116 31.11 27.98 -2.77
CA VAL B 116 31.28 29.13 -3.64
C VAL B 116 32.67 29.72 -3.48
N SER B 117 33.17 29.80 -2.24
CA SER B 117 34.48 30.38 -2.00
C SER B 117 35.59 29.52 -2.60
N ILE B 118 35.59 28.23 -2.28
CA ILE B 118 36.66 27.35 -2.74
C ILE B 118 36.55 27.12 -4.25
N LYS B 119 35.33 26.98 -4.75
CA LYS B 119 35.09 26.70 -6.17
C LYS B 119 35.82 25.42 -6.56
N PRO B 120 35.38 24.26 -6.05
CA PRO B 120 36.07 23.01 -6.41
C PRO B 120 36.04 22.70 -7.89
N GLY B 121 34.97 23.08 -8.59
CA GLY B 121 34.86 22.82 -10.01
C GLY B 121 35.56 23.87 -10.86
N SER B 139 12.58 26.25 -15.14
CA SER B 139 11.85 25.11 -14.61
C SER B 139 12.12 24.93 -13.12
N THR B 140 12.79 25.91 -12.51
CA THR B 140 13.04 25.83 -11.08
C THR B 140 11.73 25.95 -10.29
N VAL B 141 10.78 26.76 -10.78
CA VAL B 141 9.50 26.88 -10.10
C VAL B 141 8.77 25.54 -10.09
N ASP B 142 8.97 24.71 -11.10
CA ASP B 142 8.35 23.40 -11.12
C ASP B 142 8.83 22.56 -9.95
N ALA B 143 10.15 22.56 -9.71
CA ALA B 143 10.69 21.80 -8.58
C ALA B 143 10.26 22.42 -7.26
N MET B 144 10.20 23.75 -7.19
CA MET B 144 9.75 24.41 -5.97
C MET B 144 8.30 24.02 -5.65
N LEU B 145 7.45 23.98 -6.67
CA LEU B 145 6.07 23.58 -6.45
C LEU B 145 5.94 22.08 -6.24
N ASP B 146 6.88 21.30 -6.79
CA ASP B 146 6.86 19.86 -6.55
C ASP B 146 7.15 19.53 -5.09
N LEU B 147 7.99 20.34 -4.43
CA LEU B 147 8.19 20.17 -3.00
C LEU B 147 6.86 20.25 -2.26
N ILE B 148 6.08 21.29 -2.53
CA ILE B 148 4.80 21.45 -1.84
C ILE B 148 3.83 20.36 -2.25
N ARG B 149 3.85 19.97 -3.54
CA ARG B 149 2.97 18.90 -3.99
C ARG B 149 3.27 17.60 -3.26
N ASN B 150 4.55 17.27 -3.09
CA ASN B 150 4.92 16.05 -2.38
C ASN B 150 4.72 16.17 -0.87
N MET B 151 4.67 17.40 -0.34
CA MET B 151 4.33 17.58 1.07
C MET B 151 2.90 17.10 1.34
N PHE B 152 2.04 17.15 0.34
CA PHE B 152 0.65 16.71 0.45
C PHE B 152 0.36 15.72 -0.66
N PRO B 153 0.73 14.46 -0.48
CA PRO B 153 0.49 13.46 -1.54
C PRO B 153 -1.00 13.24 -1.77
N GLU B 154 -1.32 12.82 -2.99
CA GLU B 154 -2.72 12.53 -3.32
C GLU B 154 -3.17 11.20 -2.71
N ASN B 155 -2.27 10.24 -2.55
CA ASN B 155 -2.60 8.94 -2.01
C ASN B 155 -1.59 8.56 -0.95
N LEU B 156 -2.08 8.05 0.18
CA LEU B 156 -1.19 7.60 1.24
C LEU B 156 -0.43 6.34 0.83
N VAL B 157 -1.13 5.35 0.28
CA VAL B 157 -0.48 4.10 -0.10
C VAL B 157 0.54 4.34 -1.21
N GLN B 158 0.20 5.19 -2.18
CA GLN B 158 1.16 5.53 -3.22
C GLN B 158 2.35 6.29 -2.67
N ALA B 159 2.12 7.21 -1.74
CA ALA B 159 3.21 7.95 -1.13
C ALA B 159 4.19 7.02 -0.41
N ALA B 160 3.72 5.86 0.04
CA ALA B 160 4.60 4.91 0.69
C ALA B 160 5.70 4.41 -0.23
N PHE B 161 5.50 4.45 -1.56
CA PHE B 161 6.51 3.94 -2.47
C PHE B 161 6.66 4.75 -3.76
N GLN B 162 6.01 5.91 -3.88
CA GLN B 162 6.07 6.67 -5.12
C GLN B 162 6.06 8.16 -4.83
N GLN B 163 6.56 8.93 -5.79
CA GLN B 163 6.71 10.37 -5.67
C GLN B 163 6.14 11.05 -6.90
N TYR B 164 5.83 12.33 -6.77
CA TYR B 164 5.16 13.11 -7.81
C TYR B 164 6.14 14.12 -8.41
N LYS B 165 6.18 14.18 -9.74
CA LYS B 165 7.03 15.13 -10.44
C LYS B 165 6.27 15.69 -11.64
N THR B 166 6.43 17.00 -11.86
CA THR B 166 5.80 17.70 -12.97
C THR B 166 6.86 18.26 -13.90
N LYS B 167 6.53 18.31 -15.19
CA LYS B 167 7.43 18.79 -16.22
C LYS B 167 6.66 19.55 -17.28
N ARG B 168 7.23 20.66 -17.73
CA ARG B 168 6.59 21.46 -18.78
C ARG B 168 6.71 20.77 -20.12
N GLU B 169 5.72 20.99 -20.98
CA GLU B 169 5.71 20.45 -22.33
C GLU B 169 4.63 21.18 -23.11
N GLU B 170 4.57 20.89 -24.41
CA GLU B 170 3.63 21.57 -25.30
C GLU B 170 2.71 20.56 -25.99
N TYR B 202 2.39 25.93 -23.23
CA TYR B 202 3.17 25.01 -22.42
C TYR B 202 2.34 24.49 -21.24
N LYS B 203 1.65 23.37 -21.42
CA LYS B 203 0.90 22.80 -20.31
C LYS B 203 1.84 22.04 -19.38
N ILE B 204 1.39 21.85 -18.14
CA ILE B 204 2.14 21.10 -17.13
C ILE B 204 1.57 19.69 -17.09
N VAL B 205 2.45 18.70 -17.21
CA VAL B 205 2.08 17.29 -17.09
C VAL B 205 2.82 16.70 -15.90
N GLY B 206 2.08 16.19 -14.93
CA GLY B 206 2.65 15.58 -13.74
C GLY B 206 2.37 14.09 -13.73
N MET B 207 3.36 13.30 -13.33
CA MET B 207 3.21 11.86 -13.24
C MET B 207 3.96 11.34 -12.03
N TYR B 208 3.52 10.20 -11.52
CA TYR B 208 4.14 9.59 -10.36
C TYR B 208 5.24 8.63 -10.79
N SER B 209 6.33 8.63 -10.03
CA SER B 209 7.49 7.80 -10.31
C SER B 209 7.92 7.10 -9.03
N ASP B 210 8.73 6.05 -9.19
CA ASP B 210 9.15 5.27 -8.04
C ASP B 210 10.05 6.09 -7.12
N GLY B 211 10.09 5.68 -5.86
CA GLY B 211 10.77 6.43 -4.83
C GLY B 211 9.83 6.85 -3.72
N ILE B 212 10.06 6.31 -2.52
CA ILE B 212 9.15 6.56 -1.40
C ILE B 212 9.07 8.06 -1.14
N ASN B 213 7.85 8.56 -0.96
CA ASN B 213 7.61 9.96 -0.64
C ASN B 213 7.77 10.15 0.87
N VAL B 214 9.03 10.25 1.29
CA VAL B 214 9.32 10.35 2.72
C VAL B 214 8.79 11.67 3.29
N LEU B 215 8.85 12.74 2.49
CA LEU B 215 8.41 14.05 2.98
C LEU B 215 6.91 14.06 3.22
N GLY B 216 6.13 13.55 2.27
CA GLY B 216 4.69 13.52 2.46
C GLY B 216 4.26 12.62 3.61
N LEU B 217 4.94 11.48 3.76
CA LEU B 217 4.66 10.59 4.89
C LEU B 217 4.98 11.28 6.21
N ILE B 218 6.07 12.04 6.26
CA ILE B 218 6.43 12.75 7.49
C ILE B 218 5.36 13.76 7.85
N VAL B 219 4.89 14.54 6.88
CA VAL B 219 3.89 15.55 7.15
C VAL B 219 2.61 14.91 7.67
N PHE B 220 2.14 13.86 6.99
CA PHE B 220 0.92 13.20 7.44
C PHE B 220 1.11 12.58 8.82
N ALA B 221 2.27 11.98 9.07
CA ALA B 221 2.51 11.35 10.36
C ALA B 221 2.53 12.38 11.48
N LEU B 222 3.16 13.54 11.25
CA LEU B 222 3.16 14.58 12.26
C LEU B 222 1.75 15.11 12.50
N VAL B 223 1.02 15.38 11.42
CA VAL B 223 -0.35 15.87 11.56
C VAL B 223 -1.22 14.82 12.24
N PHE B 224 -1.08 13.56 11.80
CA PHE B 224 -1.88 12.49 12.39
C PHE B 224 -1.55 12.30 13.87
N GLY B 225 -0.26 12.33 14.21
CA GLY B 225 0.12 12.17 15.61
C GLY B 225 -0.35 13.32 16.48
N LEU B 226 -0.31 14.54 15.95
CA LEU B 226 -0.85 15.68 16.69
C LEU B 226 -2.34 15.49 16.94
N VAL B 227 -3.09 15.06 15.93
CA VAL B 227 -4.52 14.83 16.10
C VAL B 227 -4.76 13.76 17.15
N ILE B 228 -3.99 12.66 17.10
CA ILE B 228 -4.17 11.58 18.05
C ILE B 228 -3.88 12.05 19.47
N GLY B 229 -2.82 12.83 19.66
CA GLY B 229 -2.52 13.32 20.99
C GLY B 229 -3.58 14.23 21.54
N LYS B 230 -4.09 15.14 20.71
CA LYS B 230 -5.15 16.04 21.14
C LYS B 230 -6.49 15.34 21.30
N MET B 231 -6.69 14.21 20.63
CA MET B 231 -7.96 13.50 20.68
C MET B 231 -8.21 12.87 22.04
N GLY B 232 -7.22 12.80 22.92
CA GLY B 232 -7.41 12.29 24.26
C GLY B 232 -7.55 10.78 24.33
N GLU B 233 -8.42 10.32 25.23
CA GLU B 233 -8.56 8.88 25.45
C GLU B 233 -9.23 8.17 24.29
N LYS B 234 -9.91 8.91 23.41
CA LYS B 234 -10.51 8.27 22.23
C LYS B 234 -9.43 7.71 21.32
N GLY B 235 -8.32 8.42 21.17
CA GLY B 235 -7.21 7.98 20.36
C GLY B 235 -6.15 7.20 21.12
N GLN B 236 -6.42 6.78 22.34
CA GLN B 236 -5.42 6.06 23.12
C GLN B 236 -5.10 4.72 22.49
N ILE B 237 -6.06 4.07 21.83
CA ILE B 237 -5.78 2.81 21.15
C ILE B 237 -4.77 3.03 20.05
N LEU B 238 -4.92 4.11 19.29
CA LEU B 238 -3.98 4.41 18.22
C LEU B 238 -2.62 4.80 18.79
N VAL B 239 -2.60 5.53 19.91
CA VAL B 239 -1.33 5.84 20.56
C VAL B 239 -0.60 4.54 20.88
N ASP B 240 -1.31 3.60 21.53
CA ASP B 240 -0.69 2.34 21.90
C ASP B 240 -0.30 1.53 20.68
N PHE B 241 -1.13 1.53 19.64
CA PHE B 241 -0.80 0.76 18.45
C PHE B 241 0.50 1.24 17.83
N PHE B 242 0.66 2.56 17.69
CA PHE B 242 1.87 3.10 17.08
C PHE B 242 3.04 3.09 18.03
N ASN B 243 2.79 3.08 19.35
CA ASN B 243 3.88 2.98 20.30
C ASN B 243 4.50 1.59 20.26
N ALA B 244 3.65 0.57 20.16
CA ALA B 244 4.14 -0.80 20.02
C ALA B 244 4.80 -1.01 18.67
N LEU B 245 4.25 -0.39 17.62
CA LEU B 245 4.82 -0.53 16.29
C LEU B 245 6.20 0.11 16.20
N SER B 246 6.42 1.20 16.93
CA SER B 246 7.75 1.80 16.97
C SER B 246 8.73 0.91 17.72
N ASP B 247 8.30 0.35 18.85
CA ASP B 247 9.17 -0.56 19.59
C ASP B 247 9.51 -1.79 18.77
N ALA B 248 8.52 -2.35 18.07
CA ALA B 248 8.77 -3.53 17.24
C ALA B 248 9.71 -3.22 16.10
N THR B 249 9.56 -2.06 15.47
CA THR B 249 10.45 -1.68 14.38
C THR B 249 11.88 -1.50 14.86
N MET B 250 12.06 -0.92 16.06
CA MET B 250 13.39 -0.76 16.61
C MET B 250 14.01 -2.11 16.93
N LYS B 251 13.21 -3.07 17.40
CA LYS B 251 13.71 -4.42 17.63
C LYS B 251 14.16 -5.06 16.33
N ILE B 252 13.42 -4.84 15.24
CA ILE B 252 13.81 -5.39 13.95
C ILE B 252 15.11 -4.76 13.47
N VAL B 253 15.29 -3.46 13.73
CA VAL B 253 16.55 -2.82 13.41
C VAL B 253 17.68 -3.44 14.22
N GLN B 254 17.43 -3.74 15.49
CA GLN B 254 18.43 -4.41 16.31
C GLN B 254 18.78 -5.78 15.74
N ILE B 255 17.78 -6.51 15.23
CA ILE B 255 18.03 -7.78 14.58
C ILE B 255 18.91 -7.57 13.35
N ILE B 256 18.61 -6.52 12.57
CA ILE B 256 19.43 -6.21 11.40
C ILE B 256 20.86 -5.92 11.84
N MET B 257 21.05 -5.36 13.03
CA MET B 257 22.38 -5.06 13.51
C MET B 257 23.25 -6.31 13.58
N TRP B 258 22.63 -7.48 13.76
CA TRP B 258 23.38 -8.73 13.75
C TRP B 258 24.08 -8.95 12.41
N TYR B 259 23.35 -8.76 11.32
CA TYR B 259 23.92 -8.94 9.99
C TYR B 259 24.72 -7.73 9.51
N MET B 260 24.51 -6.55 10.10
CA MET B 260 25.17 -5.34 9.62
C MET B 260 26.67 -5.51 9.43
N PRO B 261 27.44 -6.05 10.38
CA PRO B 261 28.91 -6.10 10.18
C PRO B 261 29.32 -6.70 8.85
N LEU B 262 28.76 -7.86 8.49
CA LEU B 262 29.11 -8.47 7.21
C LEU B 262 28.67 -7.58 6.05
N GLY B 263 27.47 -7.01 6.14
CA GLY B 263 27.00 -6.14 5.08
C GLY B 263 27.87 -4.92 4.89
N ILE B 264 28.33 -4.32 5.99
CA ILE B 264 29.21 -3.16 5.91
C ILE B 264 30.56 -3.55 5.32
N LEU B 265 31.06 -4.74 5.66
CA LEU B 265 32.31 -5.21 5.08
C LEU B 265 32.22 -5.21 3.56
N PHE B 266 31.18 -5.84 3.00
CA PHE B 266 31.05 -5.94 1.56
C PHE B 266 30.56 -4.64 0.93
N LEU B 267 29.98 -3.75 1.72
CA LEU B 267 29.61 -2.42 1.22
C LEU B 267 30.83 -1.53 1.03
N ILE B 268 31.72 -1.53 2.03
CA ILE B 268 32.94 -0.72 1.93
C ILE B 268 33.89 -1.33 0.90
N ALA B 269 34.06 -2.65 0.95
CA ALA B 269 34.91 -3.32 -0.04
C ALA B 269 34.37 -3.12 -1.44
N GLY B 270 33.06 -3.24 -1.63
CA GLY B 270 32.49 -3.07 -2.95
C GLY B 270 32.72 -1.68 -3.51
N CYS B 271 32.70 -0.66 -2.64
CA CYS B 271 32.95 0.70 -3.11
C CYS B 271 34.36 0.85 -3.64
N ILE B 272 35.35 0.28 -2.94
CA ILE B 272 36.74 0.44 -3.36
C ILE B 272 36.98 -0.26 -4.69
N ILE B 273 36.32 -1.40 -4.92
CA ILE B 273 36.53 -2.12 -6.17
C ILE B 273 36.08 -1.27 -7.35
N GLU B 274 34.97 -0.55 -7.21
CA GLU B 274 34.44 0.24 -8.32
C GLU B 274 35.35 1.40 -8.71
N VAL B 275 36.30 1.78 -7.84
CA VAL B 275 37.26 2.81 -8.19
C VAL B 275 38.13 2.31 -9.33
N GLU B 276 38.28 3.13 -10.36
CA GLU B 276 38.91 2.66 -11.60
C GLU B 276 40.43 2.68 -11.49
N ASP B 277 41.02 3.87 -11.33
CA ASP B 277 42.47 4.00 -11.32
C ASP B 277 42.97 4.95 -10.24
N TRP B 278 42.16 5.24 -9.23
CA TRP B 278 42.48 6.14 -8.11
C TRP B 278 42.59 7.60 -8.55
N GLU B 279 42.35 7.88 -9.83
CA GLU B 279 42.46 9.26 -10.34
C GLU B 279 41.19 10.05 -9.97
N ILE B 280 40.06 9.37 -9.81
CA ILE B 280 38.80 10.04 -9.53
C ILE B 280 38.84 10.70 -8.16
N PHE B 281 39.51 10.05 -7.20
CA PHE B 281 39.67 10.66 -5.88
C PHE B 281 40.48 11.94 -5.97
N ARG B 282 41.51 11.96 -6.80
CA ARG B 282 42.27 13.19 -7.02
C ARG B 282 41.40 14.27 -7.66
N LYS B 283 40.57 13.89 -8.63
CA LYS B 283 39.70 14.86 -9.28
C LYS B 283 38.68 15.42 -8.32
N LEU B 284 38.16 14.59 -7.42
CA LEU B 284 37.17 15.01 -6.43
C LEU B 284 37.79 15.38 -5.10
N GLY B 285 39.12 15.52 -5.03
CA GLY B 285 39.76 15.83 -3.77
C GLY B 285 39.34 17.18 -3.22
N LEU B 286 39.26 18.18 -4.08
CA LEU B 286 38.85 19.51 -3.64
C LEU B 286 37.39 19.51 -3.18
N TYR B 287 36.53 18.79 -3.90
CA TYR B 287 35.14 18.66 -3.47
C TYR B 287 35.06 17.93 -2.13
N MET B 288 35.85 16.86 -1.97
CA MET B 288 35.89 16.18 -0.68
C MET B 288 36.38 17.12 0.42
N ALA B 289 37.38 17.94 0.11
CA ALA B 289 37.88 18.90 1.10
C ALA B 289 36.79 19.88 1.50
N THR B 290 36.02 20.38 0.52
CA THR B 290 34.97 21.33 0.83
C THR B 290 33.91 20.71 1.75
N VAL B 291 33.46 19.50 1.42
CA VAL B 291 32.45 18.86 2.26
C VAL B 291 33.03 18.58 3.64
N LEU B 292 34.25 18.07 3.71
CA LEU B 292 34.84 17.72 5.01
C LEU B 292 35.07 18.96 5.86
N THR B 293 35.58 20.03 5.27
CA THR B 293 35.78 21.26 6.05
C THR B 293 34.45 21.82 6.52
N GLY B 294 33.43 21.79 5.65
CA GLY B 294 32.13 22.30 6.05
C GLY B 294 31.54 21.50 7.20
N LEU B 295 31.61 20.18 7.11
CA LEU B 295 31.10 19.34 8.18
C LEU B 295 31.88 19.56 9.47
N ALA B 296 33.21 19.64 9.35
CA ALA B 296 34.05 19.90 10.52
C ALA B 296 33.65 21.20 11.21
N ILE B 297 33.63 22.30 10.45
CA ILE B 297 33.26 23.59 11.02
C ILE B 297 31.91 23.50 11.72
N HIS B 298 30.93 22.91 11.05
CA HIS B 298 29.58 22.85 11.60
C HIS B 298 29.54 22.08 12.91
N SER B 299 30.26 20.96 12.99
CA SER B 299 30.19 20.08 14.15
C SER B 299 31.17 20.45 15.26
N ILE B 300 32.17 21.28 14.98
CA ILE B 300 33.18 21.63 15.98
C ILE B 300 33.14 23.10 16.36
N VAL B 301 32.44 23.94 15.61
CA VAL B 301 32.35 25.36 15.95
C VAL B 301 30.89 25.76 16.13
N ILE B 302 30.09 25.62 15.07
CA ILE B 302 28.74 26.16 15.09
C ILE B 302 27.89 25.43 16.13
N LEU B 303 27.91 24.10 16.09
CA LEU B 303 27.11 23.34 17.06
C LEU B 303 27.59 23.55 18.49
N PRO B 304 28.88 23.42 18.81
CA PRO B 304 29.31 23.73 20.17
C PRO B 304 29.02 25.17 20.58
N LEU B 305 29.14 26.13 19.66
CA LEU B 305 28.88 27.52 20.00
C LEU B 305 27.43 27.74 20.39
N ILE B 306 26.49 27.24 19.57
CA ILE B 306 25.08 27.43 19.85
C ILE B 306 24.69 26.71 21.14
N TYR B 307 25.29 25.55 21.41
CA TYR B 307 25.05 24.87 22.67
C TYR B 307 25.49 25.72 23.85
N PHE B 308 26.63 26.40 23.72
CA PHE B 308 27.11 27.25 24.79
C PHE B 308 26.17 28.44 25.04
N ILE B 309 25.65 29.05 23.98
CA ILE B 309 24.75 30.19 24.15
C ILE B 309 23.48 29.76 24.89
N VAL B 310 22.89 28.64 24.47
CA VAL B 310 21.65 28.19 25.11
C VAL B 310 21.94 27.45 26.40
N VAL B 311 22.94 26.58 26.41
CA VAL B 311 23.30 25.79 27.58
C VAL B 311 24.65 26.29 28.07
N ARG B 312 24.69 26.75 29.32
CA ARG B 312 25.93 27.24 29.91
C ARG B 312 26.75 26.06 30.48
N LYS B 313 27.11 25.15 29.57
CA LYS B 313 27.89 23.98 29.91
C LYS B 313 28.88 23.71 28.80
N ASN B 314 29.87 22.90 29.12
CA ASN B 314 30.91 22.58 28.15
C ASN B 314 30.31 21.74 27.02
N PRO B 315 30.37 22.19 25.75
CA PRO B 315 29.79 21.39 24.66
C PRO B 315 30.65 20.19 24.29
N PHE B 316 31.97 20.34 24.37
CA PHE B 316 32.85 19.24 24.03
C PHE B 316 32.76 18.10 25.04
N ARG B 317 32.52 18.42 26.32
CA ARG B 317 32.23 17.36 27.28
C ARG B 317 30.93 16.66 26.90
N PHE B 318 29.94 17.41 26.43
CA PHE B 318 28.70 16.79 25.96
C PHE B 318 28.99 15.85 24.81
N ALA B 319 29.84 16.26 23.87
CA ALA B 319 30.20 15.39 22.77
C ALA B 319 30.98 14.18 23.27
N MET B 320 31.90 14.38 24.22
CA MET B 320 32.65 13.25 24.76
C MET B 320 31.72 12.28 25.48
N GLY B 321 30.64 12.79 26.08
CA GLY B 321 29.67 11.89 26.69
C GLY B 321 28.83 11.14 25.68
N MET B 322 28.74 11.66 24.45
CA MET B 322 27.98 11.04 23.38
C MET B 322 28.91 10.49 22.30
N ALA B 323 30.11 10.09 22.69
CA ALA B 323 31.13 9.69 21.73
C ALA B 323 30.78 8.35 21.09
N GLN B 324 30.31 7.39 21.89
CA GLN B 324 30.00 6.07 21.35
C GLN B 324 28.94 6.16 20.26
N ALA B 325 27.98 7.08 20.42
CA ALA B 325 26.95 7.24 19.38
C ALA B 325 27.54 7.83 18.10
N LEU B 326 28.41 8.84 18.23
CA LEU B 326 29.03 9.41 17.03
C LEU B 326 29.94 8.40 16.34
N LEU B 327 30.66 7.59 17.12
CA LEU B 327 31.55 6.59 16.54
C LEU B 327 30.74 5.54 15.79
N THR B 328 29.63 5.08 16.38
CA THR B 328 28.79 4.09 15.73
C THR B 328 28.18 4.67 14.44
N ALA B 329 27.79 5.93 14.48
CA ALA B 329 27.24 6.58 13.28
C ALA B 329 28.31 6.67 12.19
N LEU B 330 29.54 7.00 12.58
CA LEU B 330 30.64 7.16 11.59
C LEU B 330 31.01 5.80 11.00
N MET B 331 30.57 4.71 11.63
CA MET B 331 30.93 3.35 11.14
C MET B 331 29.77 2.78 10.31
N ILE B 332 28.55 2.80 10.86
CA ILE B 332 27.41 2.21 10.15
C ILE B 332 26.73 3.19 9.20
N SER B 333 27.01 4.48 9.31
CA SER B 333 26.45 5.48 8.40
C SER B 333 24.92 5.46 8.41
N SER B 334 24.33 5.35 9.58
CA SER B 334 22.88 5.39 9.71
C SER B 334 22.51 6.06 11.02
N SER B 335 21.80 7.19 10.92
CA SER B 335 21.35 7.89 12.12
C SER B 335 20.15 7.22 12.76
N SER B 336 19.45 6.36 12.03
CA SER B 336 18.32 5.63 12.58
C SER B 336 18.72 4.29 13.19
N ALA B 337 19.70 3.60 12.58
CA ALA B 337 20.19 2.36 13.15
C ALA B 337 20.98 2.60 14.42
N THR B 338 21.66 3.73 14.53
CA THR B 338 22.39 4.09 15.74
C THR B 338 21.49 4.74 16.78
N LEU B 339 20.20 4.88 16.50
CA LEU B 339 19.30 5.52 17.45
C LEU B 339 19.32 4.89 18.83
N PRO B 340 19.33 3.56 18.99
CA PRO B 340 19.44 3.00 20.34
C PRO B 340 20.70 3.45 21.05
N VAL B 341 21.81 3.56 20.33
CA VAL B 341 23.06 4.03 20.94
C VAL B 341 22.93 5.49 21.33
N THR B 342 22.31 6.28 20.46
CA THR B 342 22.09 7.70 20.77
C THR B 342 21.22 7.86 22.01
N PHE B 343 20.16 7.06 22.12
CA PHE B 343 19.33 7.08 23.32
C PHE B 343 20.15 6.76 24.57
N ARG B 344 20.90 5.66 24.52
CA ARG B 344 21.66 5.21 25.68
C ARG B 344 22.69 6.25 26.11
N CYS B 345 23.45 6.78 25.15
CA CYS B 345 24.48 7.76 25.49
C CYS B 345 23.88 9.00 26.13
N ALA B 346 22.87 9.58 25.49
CA ALA B 346 22.28 10.83 26.00
C ALA B 346 21.65 10.63 27.37
N GLU B 347 20.95 9.51 27.58
CA GLU B 347 20.24 9.28 28.83
C GLU B 347 21.18 8.90 29.96
N GLU B 348 22.19 8.08 29.70
CA GLU B 348 23.06 7.57 30.75
C GLU B 348 24.24 8.52 31.02
N ASN B 349 25.05 8.78 29.99
CA ASN B 349 26.29 9.52 30.21
C ASN B 349 26.00 10.99 30.46
N ASN B 350 25.06 11.57 29.73
CA ASN B 350 24.74 12.99 29.86
C ASN B 350 23.58 13.26 30.81
N GLN B 351 22.94 12.22 31.33
CA GLN B 351 21.86 12.38 32.30
C GLN B 351 20.77 13.30 31.77
N VAL B 352 20.44 13.14 30.49
CA VAL B 352 19.38 13.93 29.87
C VAL B 352 18.03 13.35 30.24
N ASP B 353 17.05 14.23 30.43
CA ASP B 353 15.71 13.80 30.80
C ASP B 353 15.10 12.91 29.72
N LYS B 354 14.45 11.84 30.15
CA LYS B 354 13.87 10.90 29.19
C LYS B 354 12.68 11.51 28.45
N ARG B 355 11.96 12.44 29.09
CA ARG B 355 10.74 12.97 28.47
C ARG B 355 11.06 13.76 27.21
N ILE B 356 12.12 14.56 27.23
CA ILE B 356 12.46 15.34 26.04
C ILE B 356 13.28 14.51 25.06
N THR B 357 14.06 13.55 25.55
CA THR B 357 14.84 12.70 24.66
C THR B 357 13.94 11.85 23.77
N ARG B 358 12.88 11.28 24.36
CA ARG B 358 12.02 10.38 23.60
C ARG B 358 11.33 11.06 22.43
N PHE B 359 11.28 12.39 22.41
CA PHE B 359 10.76 13.11 21.25
C PHE B 359 11.84 13.70 20.37
N VAL B 360 12.88 14.28 20.97
CA VAL B 360 13.89 14.99 20.18
C VAL B 360 14.71 14.00 19.35
N LEU B 361 15.10 12.88 19.94
CA LEU B 361 16.01 11.97 19.25
C LEU B 361 15.32 11.26 18.09
N PRO B 362 14.21 10.54 18.29
CA PRO B 362 13.64 9.78 17.17
C PRO B 362 13.11 10.66 16.06
N VAL B 363 12.53 11.81 16.40
CA VAL B 363 12.05 12.73 15.39
C VAL B 363 13.23 13.36 14.64
N GLY B 364 14.23 13.82 15.40
CA GLY B 364 15.40 14.43 14.79
C GLY B 364 16.24 13.47 13.98
N ALA B 365 16.13 12.17 14.25
CA ALA B 365 16.87 11.19 13.46
C ALA B 365 16.45 11.19 12.00
N THR B 366 15.27 11.73 11.70
CA THR B 366 14.73 11.71 10.34
C THR B 366 14.57 13.10 9.74
N ILE B 367 14.22 14.11 10.55
CA ILE B 367 14.00 15.45 10.02
C ILE B 367 15.32 16.19 10.12
N ASN B 368 15.88 16.26 11.32
CA ASN B 368 17.12 16.99 11.54
C ASN B 368 18.33 16.24 11.00
N MET B 369 18.67 16.54 9.74
CA MET B 369 19.88 15.96 9.09
C MET B 369 20.71 17.15 8.61
N ASP B 370 21.63 17.65 9.44
CA ASP B 370 22.36 18.87 9.12
C ASP B 370 23.52 18.59 8.17
N GLY B 371 24.30 17.54 8.45
CA GLY B 371 25.42 17.22 7.58
C GLY B 371 24.95 16.85 6.19
N THR B 372 23.83 16.13 6.09
CA THR B 372 23.27 15.83 4.79
C THR B 372 22.87 17.11 4.06
N ALA B 373 22.28 18.06 4.79
CA ALA B 373 21.91 19.33 4.17
C ALA B 373 23.14 20.04 3.64
N LEU B 374 24.20 20.09 4.46
CA LEU B 374 25.45 20.70 4.00
C LEU B 374 25.99 19.97 2.79
N TYR B 375 26.00 18.63 2.84
CA TYR B 375 26.52 17.85 1.74
C TYR B 375 25.70 18.05 0.47
N GLU B 376 24.37 18.09 0.60
CA GLU B 376 23.52 18.31 -0.57
C GLU B 376 23.83 19.66 -1.22
N ALA B 377 23.92 20.72 -0.44
CA ALA B 377 24.20 22.03 -1.00
C ALA B 377 25.56 22.05 -1.68
N VAL B 378 26.60 21.56 -1.00
CA VAL B 378 27.95 21.60 -1.56
C VAL B 378 28.01 20.76 -2.83
N ALA B 379 27.41 19.57 -2.81
CA ALA B 379 27.50 18.68 -3.96
C ALA B 379 26.72 19.22 -5.15
N ALA B 380 25.55 19.81 -4.91
CA ALA B 380 24.78 20.38 -6.00
C ALA B 380 25.54 21.52 -6.66
N VAL B 381 26.10 22.43 -5.85
CA VAL B 381 26.86 23.54 -6.41
C VAL B 381 28.11 23.04 -7.11
N PHE B 382 28.74 22.00 -6.56
CA PHE B 382 29.96 21.48 -7.16
C PHE B 382 29.68 20.83 -8.51
N ILE B 383 28.58 20.08 -8.63
CA ILE B 383 28.23 19.49 -9.91
C ILE B 383 27.91 20.59 -10.92
N ALA B 384 27.16 21.61 -10.48
CA ALA B 384 26.90 22.75 -11.36
C ALA B 384 28.20 23.39 -11.82
N GLN B 385 29.13 23.61 -10.90
CA GLN B 385 30.42 24.19 -11.27
C GLN B 385 31.14 23.31 -12.29
N LEU B 386 31.03 21.98 -12.13
CA LEU B 386 31.63 21.09 -13.12
C LEU B 386 31.02 21.31 -14.50
N ASN B 387 29.71 21.54 -14.55
CA ASN B 387 29.02 21.77 -15.81
C ASN B 387 29.20 23.18 -16.34
N ASP B 388 29.94 24.03 -15.62
CA ASP B 388 30.21 25.40 -16.07
C ASP B 388 28.93 26.20 -16.26
N LEU B 389 28.03 26.08 -15.28
CA LEU B 389 26.78 26.83 -15.24
C LEU B 389 26.88 27.85 -14.12
N ASP B 390 26.93 29.13 -14.48
CA ASP B 390 27.11 30.18 -13.49
C ASP B 390 25.83 30.38 -12.68
N LEU B 391 25.94 30.29 -11.36
CA LEU B 391 24.77 30.30 -10.49
C LEU B 391 24.46 31.73 -10.07
N GLY B 392 23.23 32.15 -10.33
CA GLY B 392 22.76 33.45 -9.89
C GLY B 392 22.33 33.42 -8.43
N ILE B 393 21.78 34.54 -7.98
CA ILE B 393 21.28 34.62 -6.61
C ILE B 393 20.07 33.70 -6.46
N GLY B 394 19.13 33.78 -7.40
CA GLY B 394 17.95 32.93 -7.31
C GLY B 394 18.29 31.46 -7.40
N GLN B 395 19.28 31.12 -8.22
CA GLN B 395 19.73 29.72 -8.30
C GLN B 395 20.30 29.26 -6.96
N ILE B 396 21.06 30.12 -6.29
CA ILE B 396 21.59 29.78 -4.97
C ILE B 396 20.44 29.60 -3.98
N ILE B 397 19.46 30.51 -4.03
CA ILE B 397 18.33 30.44 -3.09
C ILE B 397 17.54 29.16 -3.30
N THR B 398 17.27 28.80 -4.56
CA THR B 398 16.50 27.59 -4.82
C THR B 398 17.28 26.34 -4.45
N ILE B 399 18.59 26.37 -4.60
CA ILE B 399 19.44 25.27 -4.14
C ILE B 399 19.34 25.13 -2.63
N SER B 400 19.36 26.26 -1.91
CA SER B 400 19.28 26.21 -0.45
C SER B 400 17.97 25.58 0.01
N ILE B 401 16.85 26.01 -0.57
CA ILE B 401 15.55 25.48 -0.14
C ILE B 401 15.45 24.01 -0.45
N THR B 402 15.87 23.59 -1.65
CA THR B 402 15.77 22.18 -2.02
C THR B 402 16.72 21.31 -1.22
N ALA B 403 17.88 21.86 -0.83
CA ALA B 403 18.81 21.10 0.00
C ALA B 403 18.24 20.91 1.40
N THR B 404 17.58 21.94 1.95
CA THR B 404 16.90 21.79 3.22
C THR B 404 15.80 20.74 3.13
N SER B 405 15.00 20.80 2.06
CA SER B 405 13.94 19.82 1.87
C SER B 405 14.52 18.41 1.67
N ALA B 406 15.62 18.32 0.91
CA ALA B 406 16.23 17.02 0.65
C ALA B 406 16.76 16.38 1.93
N SER B 407 17.40 17.18 2.79
CA SER B 407 17.84 16.66 4.09
C SER B 407 16.65 16.22 4.93
N ILE B 408 15.57 16.98 4.92
CA ILE B 408 14.36 16.58 5.64
C ILE B 408 13.77 15.32 5.04
N GLY B 409 13.73 15.22 3.71
CA GLY B 409 13.09 14.10 3.06
C GLY B 409 13.95 12.86 2.91
N ALA B 410 15.22 12.93 3.26
CA ALA B 410 16.11 11.78 3.17
C ALA B 410 16.03 10.96 4.45
N ALA B 411 16.13 9.65 4.31
CA ALA B 411 15.99 8.75 5.45
C ALA B 411 17.31 8.64 6.21
N GLY B 412 17.28 7.91 7.33
CA GLY B 412 18.46 7.68 8.13
C GLY B 412 19.18 6.39 7.78
N VAL B 413 19.31 6.10 6.49
CA VAL B 413 19.91 4.86 6.02
C VAL B 413 21.22 5.20 5.32
N PRO B 414 22.12 4.20 5.09
CA PRO B 414 23.32 4.48 4.32
C PRO B 414 22.88 4.84 2.89
N GLN B 415 23.45 5.89 2.31
CA GLN B 415 23.15 6.25 0.89
C GLN B 415 21.82 7.00 0.75
N ALA B 416 21.15 7.34 1.85
CA ALA B 416 19.96 8.17 1.73
C ALA B 416 20.26 9.52 1.09
N GLY B 417 21.50 10.00 1.24
CA GLY B 417 21.86 11.29 0.66
C GLY B 417 21.75 11.30 -0.85
N LEU B 418 22.10 10.18 -1.48
CA LEU B 418 22.09 10.11 -2.93
C LEU B 418 20.68 9.95 -3.49
N VAL B 419 19.75 9.42 -2.70
CA VAL B 419 18.39 9.15 -3.24
C VAL B 419 17.65 10.48 -3.46
N THR B 420 17.80 11.42 -2.53
CA THR B 420 17.15 12.71 -2.65
C THR B 420 18.02 13.77 -3.33
N MET B 421 19.22 13.38 -3.79
CA MET B 421 20.11 14.34 -4.42
C MET B 421 19.57 14.75 -5.79
N VAL B 422 18.86 13.84 -6.46
CA VAL B 422 18.34 14.15 -7.80
C VAL B 422 17.36 15.30 -7.74
N ILE B 423 16.62 15.44 -6.65
CA ILE B 423 15.64 16.52 -6.52
C ILE B 423 16.35 17.87 -6.55
N VAL B 424 17.39 18.03 -5.72
CA VAL B 424 18.09 19.30 -5.65
C VAL B 424 18.86 19.55 -6.95
N LEU B 425 19.36 18.49 -7.59
CA LEU B 425 20.02 18.66 -8.88
C LEU B 425 19.04 19.17 -9.94
N SER B 426 17.84 18.59 -9.98
CA SER B 426 16.85 19.03 -10.96
C SER B 426 16.26 20.39 -10.62
N ALA B 427 16.47 20.89 -9.40
CA ALA B 427 16.01 22.23 -9.06
C ALA B 427 16.63 23.27 -9.98
N VAL B 428 17.88 23.06 -10.37
CA VAL B 428 18.58 23.99 -11.25
C VAL B 428 18.69 23.44 -12.67
N GLY B 429 17.86 22.45 -13.02
CA GLY B 429 17.83 21.91 -14.36
C GLY B 429 18.97 20.96 -14.69
N LEU B 430 19.79 20.59 -13.71
CA LEU B 430 20.89 19.69 -13.98
C LEU B 430 20.36 18.29 -14.26
N PRO B 431 21.07 17.52 -15.10
CA PRO B 431 20.60 16.16 -15.40
C PRO B 431 20.54 15.30 -14.14
N ALA B 432 19.55 14.41 -14.11
CA ALA B 432 19.39 13.53 -12.95
C ALA B 432 20.58 12.60 -12.79
N GLU B 433 21.11 12.09 -13.90
CA GLU B 433 22.24 11.15 -13.85
C GLU B 433 23.55 11.82 -13.50
N ASP B 434 23.57 13.14 -13.24
CA ASP B 434 24.81 13.80 -12.86
C ASP B 434 25.26 13.43 -11.45
N VAL B 435 24.43 12.72 -10.68
CA VAL B 435 24.86 12.24 -9.37
C VAL B 435 26.06 11.32 -9.49
N THR B 436 26.22 10.68 -10.66
CA THR B 436 27.33 9.75 -10.86
C THR B 436 28.68 10.44 -10.78
N LEU B 437 28.71 11.77 -10.90
CA LEU B 437 29.98 12.50 -10.83
C LEU B 437 30.59 12.51 -9.43
N ILE B 438 29.84 12.14 -8.39
CA ILE B 438 30.38 12.16 -7.03
C ILE B 438 30.07 10.85 -6.32
N ILE B 439 29.69 9.82 -7.07
CA ILE B 439 29.35 8.54 -6.46
C ILE B 439 30.61 7.86 -5.91
N ALA B 440 31.73 8.00 -6.60
CA ALA B 440 32.90 7.19 -6.28
C ALA B 440 33.35 7.42 -4.85
N VAL B 441 33.34 8.68 -4.39
CA VAL B 441 33.84 9.04 -3.08
C VAL B 441 32.71 9.21 -2.07
N ASP B 442 31.55 8.59 -2.31
CA ASP B 442 30.38 8.89 -1.49
C ASP B 442 30.44 8.23 -0.13
N CYS B 443 31.14 7.09 0.00
CA CYS B 443 31.08 6.34 1.24
C CYS B 443 31.73 7.12 2.38
N LEU B 444 32.91 7.69 2.13
CA LEU B 444 33.60 8.43 3.18
C LEU B 444 32.78 9.66 3.58
N LEU B 445 32.32 10.42 2.60
CA LEU B 445 31.50 11.60 2.87
C LEU B 445 30.20 11.22 3.54
N ASP B 446 29.62 10.09 3.13
CA ASP B 446 28.37 9.63 3.73
C ASP B 446 28.54 9.31 5.21
N ARG B 447 29.65 8.66 5.57
CA ARG B 447 29.89 8.27 6.98
C ARG B 447 30.04 9.53 7.84
N PHE B 448 30.82 10.51 7.36
CA PHE B 448 31.03 11.74 8.13
C PHE B 448 29.74 12.55 8.25
N ARG B 449 29.03 12.76 7.13
CA ARG B 449 27.82 13.56 7.19
C ARG B 449 26.79 12.92 8.12
N THR B 450 26.81 11.60 8.25
CA THR B 450 25.92 10.93 9.19
C THR B 450 26.36 11.18 10.63
N MET B 451 27.66 11.11 10.88
CA MET B 451 28.17 11.37 12.22
C MET B 451 27.71 12.74 12.72
N VAL B 452 27.88 13.77 11.90
CA VAL B 452 27.44 15.11 12.28
C VAL B 452 25.92 15.17 12.34
N ASN B 453 25.23 14.36 11.53
CA ASN B 453 23.77 14.34 11.57
C ASN B 453 23.28 13.94 12.95
N VAL B 454 23.89 12.90 13.52
CA VAL B 454 23.51 12.46 14.85
C VAL B 454 23.96 13.49 15.89
N LEU B 455 25.13 14.11 15.67
CA LEU B 455 25.61 15.11 16.61
C LEU B 455 24.67 16.30 16.69
N GLY B 456 24.05 16.68 15.56
CA GLY B 456 23.10 17.76 15.60
C GLY B 456 21.94 17.45 16.54
N ASP B 457 21.39 16.24 16.42
CA ASP B 457 20.34 15.81 17.34
C ASP B 457 20.85 15.71 18.77
N ALA B 458 22.08 15.25 18.93
CA ALA B 458 22.66 15.11 20.26
C ALA B 458 22.67 16.44 21.00
N PHE B 459 23.14 17.50 20.34
CA PHE B 459 23.13 18.82 20.96
C PHE B 459 21.71 19.32 21.17
N GLY B 460 20.80 18.99 20.25
CA GLY B 460 19.43 19.44 20.41
C GLY B 460 18.77 18.90 21.68
N THR B 461 19.09 17.66 22.06
CA THR B 461 18.50 17.11 23.28
C THR B 461 18.82 17.98 24.48
N GLY B 462 20.11 18.28 24.70
CA GLY B 462 20.48 19.12 25.82
C GLY B 462 19.96 20.53 25.69
N ILE B 463 20.00 21.07 24.47
CA ILE B 463 19.54 22.45 24.24
C ILE B 463 18.05 22.56 24.52
N VAL B 464 17.26 21.60 24.03
CA VAL B 464 15.82 21.64 24.28
C VAL B 464 15.52 21.44 25.76
N GLU B 465 16.31 20.62 26.43
CA GLU B 465 16.15 20.44 27.87
C GLU B 465 16.36 21.76 28.62
N LYS B 466 17.42 22.50 28.26
CA LYS B 466 17.69 23.78 28.91
C LYS B 466 16.58 24.78 28.60
N LEU B 467 16.11 24.80 27.35
CA LEU B 467 15.07 25.74 26.95
C LEU B 467 13.71 25.39 27.55
N SER B 468 13.57 24.21 28.15
CA SER B 468 12.31 23.74 28.72
C SER B 468 12.50 23.31 30.17
N LYS B 469 13.45 23.92 30.87
CA LYS B 469 13.70 23.56 32.26
C LYS B 469 12.45 23.76 33.10
N LYS B 470 11.79 24.90 32.93
CA LYS B 470 10.59 25.20 33.72
C LYS B 470 9.49 24.18 33.43
N GLU B 471 9.32 23.80 32.16
CA GLU B 471 8.24 22.89 31.79
C GLU B 471 8.43 21.52 32.41
N LEU B 472 9.67 21.03 32.45
CA LEU B 472 9.95 19.72 33.02
C LEU B 472 9.90 19.78 34.55
N ASN C 19 -27.61 -30.72 8.21
CA ASN C 19 -26.47 -31.48 7.73
C ASN C 19 -25.36 -30.56 7.25
N ASN C 20 -24.21 -31.14 6.91
CA ASN C 20 -23.13 -30.36 6.33
C ASN C 20 -23.44 -30.01 4.89
N TRP C 21 -23.09 -28.78 4.51
CA TRP C 21 -23.39 -28.26 3.18
C TRP C 21 -22.16 -28.04 2.30
N VAL C 22 -21.01 -27.71 2.89
CA VAL C 22 -19.82 -27.36 2.11
C VAL C 22 -19.43 -28.53 1.23
N LEU C 23 -18.94 -29.62 1.83
CA LEU C 23 -18.43 -30.74 1.05
C LEU C 23 -19.42 -31.14 -0.03
N LEU C 24 -20.70 -31.31 0.34
CA LEU C 24 -21.70 -31.74 -0.62
C LEU C 24 -21.84 -30.71 -1.74
N SER C 25 -22.12 -29.47 -1.36
CA SER C 25 -22.29 -28.41 -2.36
C SER C 25 -21.12 -28.38 -3.33
N THR C 26 -19.90 -28.54 -2.83
CA THR C 26 -18.73 -28.48 -3.70
C THR C 26 -18.61 -29.72 -4.56
N VAL C 27 -18.98 -30.89 -4.02
CA VAL C 27 -18.96 -32.11 -4.83
C VAL C 27 -19.98 -32.00 -5.96
N ALA C 28 -21.17 -31.48 -5.64
CA ALA C 28 -22.17 -31.25 -6.67
C ALA C 28 -21.67 -30.24 -7.69
N ALA C 29 -20.97 -29.20 -7.22
CA ALA C 29 -20.40 -28.21 -8.13
C ALA C 29 -19.38 -28.84 -9.08
N VAL C 30 -18.53 -29.73 -8.56
CA VAL C 30 -17.50 -30.33 -9.40
C VAL C 30 -18.14 -31.21 -10.47
N VAL C 31 -19.11 -32.04 -10.09
CA VAL C 31 -19.73 -32.92 -11.07
C VAL C 31 -20.55 -32.11 -12.07
N LEU C 32 -21.21 -31.05 -11.61
CA LEU C 32 -21.93 -30.18 -12.53
C LEU C 32 -20.98 -29.48 -13.47
N GLY C 33 -19.79 -29.12 -13.00
CA GLY C 33 -18.79 -28.52 -13.87
C GLY C 33 -18.32 -29.48 -14.95
N ILE C 34 -18.08 -30.74 -14.58
CA ILE C 34 -17.69 -31.73 -15.58
C ILE C 34 -18.78 -31.87 -16.65
N THR C 35 -20.02 -32.06 -16.21
CA THR C 35 -21.10 -32.25 -17.17
C THR C 35 -21.30 -31.01 -18.02
N THR C 36 -21.28 -29.83 -17.40
CA THR C 36 -21.46 -28.59 -18.16
C THR C 36 -20.34 -28.39 -19.16
N GLY C 37 -19.10 -28.65 -18.75
CA GLY C 37 -17.97 -28.50 -19.67
C GLY C 37 -18.08 -29.43 -20.85
N VAL C 38 -18.30 -30.72 -20.59
CA VAL C 38 -18.41 -31.70 -21.67
C VAL C 38 -19.53 -31.30 -22.64
N LEU C 39 -20.73 -31.07 -22.11
CA LEU C 39 -21.88 -30.79 -22.98
C LEU C 39 -21.66 -29.52 -23.77
N VAL C 40 -21.17 -28.46 -23.12
CA VAL C 40 -20.98 -27.19 -23.81
C VAL C 40 -19.89 -27.30 -24.87
N ARG C 41 -18.83 -28.06 -24.57
CA ARG C 41 -17.73 -28.17 -25.51
C ARG C 41 -18.13 -28.91 -26.79
N GLU C 42 -18.98 -29.92 -26.66
CA GLU C 42 -19.34 -30.76 -27.80
C GLU C 42 -20.58 -30.26 -28.51
N HIS C 43 -21.72 -30.19 -27.81
CA HIS C 43 -22.97 -29.80 -28.45
C HIS C 43 -22.86 -28.40 -29.05
N SER C 44 -22.21 -27.48 -28.36
CA SER C 44 -22.11 -26.10 -28.80
C SER C 44 -20.68 -25.77 -29.22
N ASN C 45 -20.54 -24.68 -29.96
CA ASN C 45 -19.25 -24.17 -30.40
C ASN C 45 -19.17 -22.70 -30.00
N LEU C 46 -18.27 -22.39 -29.07
CA LEU C 46 -18.14 -21.05 -28.53
C LEU C 46 -16.85 -20.41 -29.03
N SER C 47 -16.94 -19.13 -29.36
CA SER C 47 -15.77 -18.36 -29.76
C SER C 47 -14.92 -18.02 -28.53
N THR C 48 -13.69 -17.58 -28.79
CA THR C 48 -12.81 -17.16 -27.70
C THR C 48 -13.53 -16.20 -26.76
N LEU C 49 -14.32 -15.27 -27.32
CA LEU C 49 -15.06 -14.32 -26.50
C LEU C 49 -15.97 -15.06 -25.52
N GLU C 50 -16.91 -15.84 -26.06
CA GLU C 50 -17.87 -16.55 -25.21
C GLU C 50 -17.18 -17.52 -24.28
N LYS C 51 -16.05 -18.12 -24.71
CA LYS C 51 -15.32 -19.00 -23.82
C LYS C 51 -14.80 -18.24 -22.60
N PHE C 52 -14.26 -17.04 -22.81
CA PHE C 52 -13.79 -16.23 -21.69
C PHE C 52 -14.96 -15.76 -20.83
N TYR C 53 -16.05 -15.33 -21.45
CA TYR C 53 -17.20 -14.84 -20.68
C TYR C 53 -17.92 -15.96 -19.96
N PHE C 54 -17.77 -17.21 -20.41
CA PHE C 54 -18.43 -18.31 -19.72
C PHE C 54 -17.76 -18.64 -18.40
N ALA C 55 -16.48 -18.29 -18.23
CA ALA C 55 -15.76 -18.55 -17.00
C ALA C 55 -15.74 -17.34 -16.08
N PHE C 56 -16.55 -16.32 -16.35
CA PHE C 56 -16.50 -15.12 -15.53
C PHE C 56 -16.85 -15.38 -14.07
N PRO C 57 -17.89 -16.14 -13.73
CA PRO C 57 -18.13 -16.41 -12.31
C PRO C 57 -16.94 -17.05 -11.62
N GLY C 58 -16.25 -17.97 -12.30
CA GLY C 58 -15.02 -18.52 -11.76
C GLY C 58 -13.93 -17.48 -11.64
N GLU C 59 -13.86 -16.57 -12.60
CA GLU C 59 -12.90 -15.47 -12.54
C GLU C 59 -13.14 -14.60 -11.31
N ILE C 60 -14.41 -14.31 -11.00
CA ILE C 60 -14.71 -13.49 -9.84
C ILE C 60 -14.32 -14.22 -8.56
N LEU C 61 -14.50 -15.55 -8.53
CA LEU C 61 -14.04 -16.31 -7.37
C LEU C 61 -12.54 -16.16 -7.19
N MET C 62 -11.77 -16.22 -8.29
CA MET C 62 -10.33 -16.01 -8.20
C MET C 62 -10.00 -14.62 -7.70
N ARG C 63 -10.74 -13.60 -8.15
CA ARG C 63 -10.48 -12.25 -7.67
C ARG C 63 -10.70 -12.15 -6.16
N MET C 64 -11.78 -12.75 -5.66
CA MET C 64 -12.06 -12.70 -4.23
C MET C 64 -11.00 -13.46 -3.43
N LEU C 65 -10.61 -14.65 -3.89
CA LEU C 65 -9.61 -15.43 -3.17
C LEU C 65 -8.25 -14.74 -3.18
N LYS C 66 -7.85 -14.18 -4.33
CA LYS C 66 -6.59 -13.44 -4.39
C LYS C 66 -6.63 -12.18 -3.53
N LEU C 67 -7.81 -11.58 -3.37
CA LEU C 67 -7.96 -10.45 -2.47
C LEU C 67 -7.61 -10.83 -1.03
N ILE C 68 -8.10 -12.00 -0.57
CA ILE C 68 -7.89 -12.41 0.82
C ILE C 68 -6.48 -12.93 1.06
N ILE C 69 -5.69 -13.17 0.00
CA ILE C 69 -4.34 -13.69 0.18
C ILE C 69 -3.57 -12.85 1.19
N LEU C 70 -3.43 -11.56 0.91
CA LEU C 70 -2.48 -10.75 1.67
C LEU C 70 -2.86 -10.64 3.14
N PRO C 71 -4.06 -10.21 3.51
CA PRO C 71 -4.39 -10.16 4.94
C PRO C 71 -4.32 -11.53 5.61
N LEU C 72 -4.72 -12.58 4.91
CA LEU C 72 -4.67 -13.92 5.48
C LEU C 72 -3.25 -14.31 5.84
N ILE C 73 -2.31 -14.16 4.90
CA ILE C 73 -0.93 -14.56 5.15
C ILE C 73 -0.33 -13.71 6.27
N ILE C 74 -0.45 -12.39 6.16
CA ILE C 74 0.19 -11.50 7.14
C ILE C 74 -0.29 -11.84 8.55
N SER C 75 -1.61 -11.91 8.72
CA SER C 75 -2.16 -12.15 10.05
C SER C 75 -1.82 -13.56 10.53
N SER C 76 -1.88 -14.55 9.64
CA SER C 76 -1.61 -15.93 10.03
C SER C 76 -0.17 -16.10 10.51
N MET C 77 0.80 -15.60 9.76
CA MET C 77 2.20 -15.74 10.17
C MET C 77 2.46 -15.03 11.49
N ILE C 78 1.99 -13.79 11.61
CA ILE C 78 2.27 -13.00 12.81
C ILE C 78 1.62 -13.66 14.02
N THR C 79 0.35 -14.04 13.88
CA THR C 79 -0.37 -14.67 14.99
C THR C 79 0.27 -16.01 15.35
N GLY C 80 0.63 -16.81 14.35
CA GLY C 80 1.17 -18.13 14.64
C GLY C 80 2.48 -18.08 15.41
N VAL C 81 3.41 -17.23 14.98
CA VAL C 81 4.71 -17.16 15.63
C VAL C 81 4.69 -16.29 16.88
N ALA C 82 3.68 -15.45 17.05
CA ALA C 82 3.57 -14.67 18.28
C ALA C 82 2.95 -15.48 19.41
N ALA C 83 2.14 -16.49 19.08
CA ALA C 83 1.61 -17.36 20.11
C ALA C 83 2.73 -18.12 20.81
N LEU C 84 3.74 -18.57 20.06
CA LEU C 84 4.89 -19.29 20.61
C LEU C 84 5.90 -18.29 21.19
N ASP C 85 5.42 -17.48 22.13
CA ASP C 85 6.26 -16.44 22.70
C ASP C 85 7.38 -17.02 23.55
N SER C 86 7.08 -18.06 24.33
CA SER C 86 8.06 -18.59 25.27
C SER C 86 9.25 -19.21 24.55
N ASN C 87 10.42 -19.12 25.18
CA ASN C 87 11.61 -19.76 24.61
C ASN C 87 11.42 -21.26 24.53
N VAL C 88 10.81 -21.87 25.55
CA VAL C 88 10.49 -23.29 25.47
C VAL C 88 9.51 -23.54 24.34
N SER C 89 8.50 -22.68 24.21
CA SER C 89 7.54 -22.83 23.12
C SER C 89 8.18 -22.62 21.76
N GLY C 90 9.33 -21.92 21.69
CA GLY C 90 10.00 -21.75 20.43
C GLY C 90 10.57 -23.03 19.85
N LYS C 91 10.76 -24.05 20.69
CA LYS C 91 11.17 -25.36 20.17
C LYS C 91 10.10 -25.94 19.27
N ILE C 92 8.83 -25.68 19.60
CA ILE C 92 7.73 -26.13 18.75
C ILE C 92 7.86 -25.51 17.36
N GLY C 93 8.14 -24.21 17.31
CA GLY C 93 8.34 -23.56 16.03
C GLY C 93 9.53 -24.09 15.27
N LEU C 94 10.63 -24.36 15.99
CA LEU C 94 11.82 -24.91 15.35
C LEU C 94 11.54 -26.28 14.74
N ARG C 95 10.84 -27.14 15.47
CA ARG C 95 10.49 -28.45 14.92
C ARG C 95 9.58 -28.31 13.70
N ALA C 96 8.62 -27.38 13.75
CA ALA C 96 7.71 -27.18 12.63
C ALA C 96 8.45 -26.74 11.38
N VAL C 97 9.38 -25.79 11.51
CA VAL C 97 10.06 -25.25 10.33
C VAL C 97 10.98 -26.31 9.71
N VAL C 98 11.68 -27.08 10.55
CA VAL C 98 12.57 -28.10 10.03
C VAL C 98 11.77 -29.20 9.34
N TYR C 99 10.61 -29.55 9.88
CA TYR C 99 9.74 -30.52 9.22
C TYR C 99 9.26 -29.98 7.88
N TYR C 100 8.84 -28.72 7.83
CA TYR C 100 8.37 -28.15 6.57
C TYR C 100 9.47 -28.22 5.52
N PHE C 101 10.67 -27.74 5.85
CA PHE C 101 11.76 -27.74 4.89
C PHE C 101 12.16 -29.15 4.48
N ALA C 102 12.27 -30.06 5.45
CA ALA C 102 12.71 -31.42 5.15
C ALA C 102 11.72 -32.13 4.22
N THR C 103 10.42 -32.02 4.52
CA THR C 103 9.43 -32.72 3.71
C THR C 103 9.31 -32.10 2.33
N THR C 104 9.39 -30.77 2.23
CA THR C 104 9.38 -30.11 0.93
C THR C 104 10.59 -30.52 0.10
N LEU C 105 11.76 -30.61 0.72
CA LEU C 105 12.96 -31.03 0.01
C LEU C 105 12.81 -32.46 -0.50
N ILE C 106 12.23 -33.34 0.32
CA ILE C 106 11.99 -34.71 -0.12
C ILE C 106 11.06 -34.73 -1.32
N ALA C 107 10.00 -33.90 -1.29
CA ALA C 107 9.08 -33.85 -2.40
C ALA C 107 9.76 -33.38 -3.67
N VAL C 108 10.60 -32.35 -3.59
CA VAL C 108 11.30 -31.86 -4.77
C VAL C 108 12.21 -32.93 -5.33
N ILE C 109 12.94 -33.63 -4.45
CA ILE C 109 13.85 -34.67 -4.90
C ILE C 109 13.07 -35.78 -5.59
N LEU C 110 11.96 -36.21 -4.99
CA LEU C 110 11.16 -37.26 -5.59
C LEU C 110 10.62 -36.84 -6.96
N GLY C 111 10.13 -35.61 -7.07
CA GLY C 111 9.61 -35.14 -8.35
C GLY C 111 10.69 -35.10 -9.42
N ILE C 112 11.87 -34.57 -9.07
CA ILE C 112 12.96 -34.49 -10.04
C ILE C 112 13.39 -35.89 -10.47
N VAL C 113 13.53 -36.81 -9.53
CA VAL C 113 13.95 -38.16 -9.86
C VAL C 113 12.94 -38.82 -10.80
N LEU C 114 11.64 -38.67 -10.49
CA LEU C 114 10.62 -39.30 -11.32
C LEU C 114 10.59 -38.71 -12.72
N VAL C 115 10.68 -37.38 -12.83
CA VAL C 115 10.59 -36.75 -14.15
C VAL C 115 11.84 -37.05 -14.96
N VAL C 116 12.99 -37.20 -14.32
CA VAL C 116 14.21 -37.58 -15.03
C VAL C 116 14.11 -39.02 -15.50
N SER C 117 13.61 -39.91 -14.64
CA SER C 117 13.54 -41.32 -14.99
C SER C 117 12.54 -41.56 -16.12
N ILE C 118 11.32 -41.05 -15.96
CA ILE C 118 10.29 -41.29 -16.97
C ILE C 118 10.59 -40.54 -18.25
N LYS C 119 11.09 -39.32 -18.13
CA LYS C 119 11.38 -38.48 -19.29
C LYS C 119 10.10 -38.29 -20.10
N PRO C 120 9.11 -37.56 -19.56
CA PRO C 120 7.86 -37.37 -20.32
C PRO C 120 8.07 -36.64 -21.64
N GLY C 121 9.02 -35.72 -21.71
CA GLY C 121 9.28 -34.98 -22.93
C GLY C 121 10.16 -35.73 -23.90
N SER C 139 22.52 -17.11 -16.61
CA SER C 139 21.64 -16.18 -15.92
C SER C 139 20.93 -16.85 -14.75
N THR C 140 21.32 -18.09 -14.44
CA THR C 140 20.73 -18.77 -13.30
C THR C 140 21.09 -18.10 -11.99
N VAL C 141 22.31 -17.55 -11.89
CA VAL C 141 22.71 -16.85 -10.68
C VAL C 141 21.83 -15.62 -10.45
N ASP C 142 21.34 -15.00 -11.53
CA ASP C 142 20.45 -13.86 -11.38
C ASP C 142 19.18 -14.27 -10.66
N ALA C 143 18.59 -15.40 -11.06
CA ALA C 143 17.38 -15.88 -10.41
C ALA C 143 17.67 -16.33 -8.98
N MET C 144 18.83 -16.96 -8.77
CA MET C 144 19.21 -17.36 -7.42
C MET C 144 19.33 -16.15 -6.50
N LEU C 145 19.95 -15.08 -6.99
CA LEU C 145 20.08 -13.87 -6.19
C LEU C 145 18.75 -13.13 -6.09
N ASP C 146 17.88 -13.28 -7.09
CA ASP C 146 16.56 -12.65 -7.01
C ASP C 146 15.72 -13.27 -5.91
N LEU C 147 15.88 -14.57 -5.65
CA LEU C 147 15.22 -15.17 -4.49
C LEU C 147 15.57 -14.44 -3.22
N ILE C 148 16.87 -14.22 -2.98
CA ILE C 148 17.30 -13.55 -1.76
C ILE C 148 16.87 -12.08 -1.77
N ARG C 149 16.90 -11.44 -2.94
CA ARG C 149 16.46 -10.06 -3.04
C ARG C 149 14.99 -9.93 -2.66
N ASN C 150 14.16 -10.85 -3.15
CA ASN C 150 12.73 -10.82 -2.82
C ASN C 150 12.46 -11.27 -1.39
N MET C 151 13.37 -12.03 -0.78
CA MET C 151 13.22 -12.36 0.63
C MET C 151 13.29 -11.11 1.50
N PHE C 152 13.97 -10.07 1.02
CA PHE C 152 14.10 -8.80 1.75
C PHE C 152 13.69 -7.67 0.80
N PRO C 153 12.40 -7.42 0.66
CA PRO C 153 11.95 -6.36 -0.26
C PRO C 153 12.40 -4.99 0.22
N GLU C 154 12.55 -4.08 -0.73
CA GLU C 154 12.94 -2.71 -0.39
C GLU C 154 11.78 -1.93 0.23
N ASN C 155 10.54 -2.24 -0.16
CA ASN C 155 9.37 -1.55 0.34
C ASN C 155 8.32 -2.56 0.76
N LEU C 156 7.72 -2.34 1.93
CA LEU C 156 6.65 -3.20 2.40
C LEU C 156 5.40 -3.05 1.55
N VAL C 157 4.99 -1.81 1.30
CA VAL C 157 3.76 -1.57 0.53
C VAL C 157 3.91 -2.10 -0.89
N GLN C 158 5.08 -1.87 -1.49
CA GLN C 158 5.32 -2.41 -2.84
C GLN C 158 5.34 -3.94 -2.83
N ALA C 159 5.95 -4.53 -1.80
CA ALA C 159 5.97 -5.99 -1.72
C ALA C 159 4.57 -6.58 -1.64
N ALA C 160 3.61 -5.81 -1.14
CA ALA C 160 2.23 -6.28 -1.07
C ALA C 160 1.66 -6.57 -2.45
N PHE C 161 2.18 -5.94 -3.50
CA PHE C 161 1.62 -6.14 -4.84
C PHE C 161 2.66 -6.19 -5.95
N GLN C 162 3.96 -6.19 -5.65
CA GLN C 162 4.98 -6.15 -6.69
C GLN C 162 6.19 -6.97 -6.29
N GLN C 163 6.95 -7.39 -7.29
CA GLN C 163 8.11 -8.25 -7.11
C GLN C 163 9.30 -7.67 -7.86
N TYR C 164 10.49 -8.10 -7.46
CA TYR C 164 11.75 -7.57 -7.98
C TYR C 164 12.42 -8.61 -8.86
N LYS C 165 12.87 -8.19 -10.04
CA LYS C 165 13.57 -9.05 -10.97
C LYS C 165 14.73 -8.29 -11.60
N THR C 166 15.87 -8.96 -11.75
CA THR C 166 17.06 -8.39 -12.36
C THR C 166 17.43 -9.16 -13.62
N LYS C 167 17.99 -8.44 -14.59
CA LYS C 167 18.37 -9.02 -15.87
C LYS C 167 19.65 -8.38 -16.36
N ARG C 168 20.54 -9.20 -16.92
CA ARG C 168 21.80 -8.69 -17.45
C ARG C 168 21.57 -7.96 -18.76
N GLU C 169 22.41 -6.96 -19.01
CA GLU C 169 22.35 -6.19 -20.26
C GLU C 169 23.65 -5.40 -20.36
N GLU C 170 23.82 -4.74 -21.50
CA GLU C 170 25.04 -3.99 -21.77
C GLU C 170 24.74 -2.52 -22.04
N TYR C 202 28.68 -5.89 -18.95
CA TYR C 202 27.33 -6.36 -18.68
C TYR C 202 26.84 -5.90 -17.31
N LYS C 203 26.19 -4.74 -17.26
CA LYS C 203 25.65 -4.28 -15.99
C LYS C 203 24.34 -5.00 -15.69
N ILE C 204 23.97 -5.01 -14.42
CA ILE C 204 22.72 -5.61 -13.95
C ILE C 204 21.70 -4.49 -13.78
N VAL C 205 20.53 -4.66 -14.40
CA VAL C 205 19.42 -3.72 -14.26
C VAL C 205 18.26 -4.47 -13.64
N GLY C 206 17.81 -4.00 -12.47
CA GLY C 206 16.69 -4.58 -11.76
C GLY C 206 15.50 -3.63 -11.76
N MET C 207 14.32 -4.19 -11.96
CA MET C 207 13.09 -3.41 -11.96
C MET C 207 11.98 -4.20 -11.30
N TYR C 208 10.99 -3.48 -10.75
CA TYR C 208 9.87 -4.10 -10.09
C TYR C 208 8.74 -4.36 -11.08
N SER C 209 8.08 -5.50 -10.92
CA SER C 209 7.00 -5.90 -11.80
C SER C 209 5.82 -6.38 -10.94
N ASP C 210 4.66 -6.44 -11.57
CA ASP C 210 3.45 -6.82 -10.84
C ASP C 210 3.54 -8.27 -10.37
N GLY C 211 2.78 -8.57 -9.32
CA GLY C 211 2.85 -9.86 -8.67
C GLY C 211 3.23 -9.74 -7.22
N ILE C 212 2.31 -10.10 -6.32
CA ILE C 212 2.54 -9.92 -4.89
C ILE C 212 3.79 -10.67 -4.47
N ASN C 213 4.65 -10.01 -3.69
CA ASN C 213 5.86 -10.63 -3.16
C ASN C 213 5.50 -11.40 -1.90
N VAL C 214 4.97 -12.62 -2.10
CA VAL C 214 4.50 -13.41 -0.98
C VAL C 214 5.68 -13.84 -0.10
N LEU C 215 6.83 -14.13 -0.73
CA LEU C 215 7.98 -14.59 0.03
C LEU C 215 8.50 -13.49 0.96
N GLY C 216 8.66 -12.28 0.44
CA GLY C 216 9.14 -11.18 1.28
C GLY C 216 8.17 -10.84 2.40
N LEU C 217 6.87 -10.88 2.10
CA LEU C 217 5.86 -10.65 3.13
C LEU C 217 5.93 -11.72 4.21
N ILE C 218 6.15 -12.97 3.82
CA ILE C 218 6.25 -14.06 4.80
C ILE C 218 7.44 -13.84 5.72
N VAL C 219 8.59 -13.48 5.16
CA VAL C 219 9.79 -13.29 5.97
C VAL C 219 9.56 -12.15 6.96
N PHE C 220 9.04 -11.02 6.49
CA PHE C 220 8.80 -9.90 7.39
C PHE C 220 7.77 -10.26 8.45
N ALA C 221 6.71 -10.98 8.06
CA ALA C 221 5.68 -11.34 9.02
C ALA C 221 6.23 -12.27 10.09
N LEU C 222 7.06 -13.23 9.71
CA LEU C 222 7.65 -14.12 10.70
C LEU C 222 8.59 -13.36 11.62
N VAL C 223 9.45 -12.50 11.05
CA VAL C 223 10.35 -11.71 11.87
C VAL C 223 9.56 -10.77 12.77
N PHE C 224 8.56 -10.10 12.20
CA PHE C 224 7.76 -9.17 12.99
C PHE C 224 7.01 -9.88 14.10
N GLY C 225 6.44 -11.04 13.80
CA GLY C 225 5.72 -11.78 14.83
C GLY C 225 6.63 -12.29 15.92
N LEU C 226 7.84 -12.72 15.56
CA LEU C 226 8.80 -13.12 16.58
C LEU C 226 9.15 -11.94 17.48
N VAL C 227 9.38 -10.77 16.90
CA VAL C 227 9.69 -9.59 17.70
C VAL C 227 8.52 -9.26 18.63
N ILE C 228 7.29 -9.32 18.11
CA ILE C 228 6.12 -9.01 18.93
C ILE C 228 5.99 -9.98 20.09
N GLY C 229 6.20 -11.28 19.82
CA GLY C 229 6.08 -12.25 20.90
C GLY C 229 7.13 -12.04 21.98
N LYS C 230 8.38 -11.78 21.58
CA LYS C 230 9.44 -11.55 22.55
C LYS C 230 9.30 -10.20 23.24
N MET C 231 8.60 -9.25 22.63
CA MET C 231 8.46 -7.92 23.22
C MET C 231 7.60 -7.91 24.47
N GLY C 232 6.89 -8.99 24.75
CA GLY C 232 6.11 -9.08 25.97
C GLY C 232 4.83 -8.27 25.95
N GLU C 233 4.49 -7.69 27.10
CA GLU C 233 3.23 -6.96 27.23
C GLU C 233 3.23 -5.65 26.44
N LYS C 234 4.40 -5.15 26.07
CA LYS C 234 4.44 -3.94 25.26
C LYS C 234 3.82 -4.17 23.89
N GLY C 235 4.04 -5.34 23.31
CA GLY C 235 3.48 -5.71 22.04
C GLY C 235 2.15 -6.44 22.11
N GLN C 236 1.52 -6.48 23.29
CA GLN C 236 0.26 -7.21 23.41
C GLN C 236 -0.84 -6.58 22.58
N ILE C 237 -0.82 -5.26 22.40
CA ILE C 237 -1.81 -4.62 21.55
C ILE C 237 -1.67 -5.12 20.12
N LEU C 238 -0.44 -5.24 19.63
CA LEU C 238 -0.23 -5.74 18.27
C LEU C 238 -0.58 -7.21 18.18
N VAL C 239 -0.31 -8.00 19.22
CA VAL C 239 -0.73 -9.39 19.22
C VAL C 239 -2.24 -9.47 19.04
N ASP C 240 -2.98 -8.69 19.85
CA ASP C 240 -4.43 -8.70 19.76
C ASP C 240 -4.92 -8.16 18.43
N PHE C 241 -4.27 -7.11 17.91
CA PHE C 241 -4.70 -6.55 16.63
C PHE C 241 -4.61 -7.60 15.53
N PHE C 242 -3.48 -8.31 15.45
CA PHE C 242 -3.30 -9.30 14.41
C PHE C 242 -4.05 -10.58 14.68
N ASN C 243 -4.35 -10.87 15.96
CA ASN C 243 -5.16 -12.04 16.27
C ASN C 243 -6.60 -11.83 15.81
N ALA C 244 -7.13 -10.62 16.01
CA ALA C 244 -8.47 -10.30 15.53
C ALA C 244 -8.49 -10.22 14.01
N LEU C 245 -7.41 -9.70 13.42
CA LEU C 245 -7.36 -9.59 11.96
C LEU C 245 -7.31 -10.95 11.30
N SER C 246 -6.67 -11.93 11.94
CA SER C 246 -6.69 -13.29 11.41
C SER C 246 -8.07 -13.91 11.52
N ASP C 247 -8.73 -13.72 12.66
CA ASP C 247 -10.09 -14.24 12.81
C ASP C 247 -11.04 -13.61 11.81
N ALA C 248 -10.93 -12.29 11.61
CA ALA C 248 -11.80 -11.61 10.65
C ALA C 248 -11.54 -12.09 9.23
N THR C 249 -10.27 -12.29 8.87
CA THR C 249 -9.97 -12.77 7.52
C THR C 249 -10.51 -14.18 7.30
N MET C 250 -10.43 -15.03 8.32
CA MET C 250 -10.99 -16.38 8.19
C MET C 250 -12.51 -16.33 8.05
N LYS C 251 -13.17 -15.41 8.75
CA LYS C 251 -14.61 -15.24 8.58
C LYS C 251 -14.94 -14.79 7.16
N ILE C 252 -14.13 -13.92 6.58
CA ILE C 252 -14.36 -13.47 5.21
C ILE C 252 -14.18 -14.64 4.24
N VAL C 253 -13.20 -15.51 4.51
CA VAL C 253 -13.03 -16.70 3.69
C VAL C 253 -14.26 -17.59 3.81
N GLN C 254 -14.81 -17.71 5.02
CA GLN C 254 -16.03 -18.48 5.19
C GLN C 254 -17.18 -17.88 4.40
N ILE C 255 -17.26 -16.55 4.36
CA ILE C 255 -18.28 -15.89 3.54
C ILE C 255 -18.06 -16.23 2.07
N ILE C 256 -16.80 -16.21 1.62
CA ILE C 256 -16.49 -16.58 0.25
C ILE C 256 -16.92 -18.02 -0.02
N MET C 257 -16.87 -18.88 0.99
CA MET C 257 -17.28 -20.27 0.81
C MET C 257 -18.72 -20.37 0.35
N TRP C 258 -19.56 -19.37 0.68
CA TRP C 258 -20.92 -19.36 0.20
C TRP C 258 -20.98 -19.31 -1.31
N TYR C 259 -20.19 -18.42 -1.92
CA TYR C 259 -20.16 -18.29 -3.37
C TYR C 259 -19.29 -19.33 -4.05
N MET C 260 -18.36 -19.95 -3.32
CA MET C 260 -17.42 -20.89 -3.93
C MET C 260 -18.09 -21.92 -4.83
N PRO C 261 -19.15 -22.62 -4.40
CA PRO C 261 -19.70 -23.69 -5.26
C PRO C 261 -19.98 -23.23 -6.69
N LEU C 262 -20.66 -22.09 -6.86
CA LEU C 262 -20.93 -21.60 -8.21
C LEU C 262 -19.64 -21.24 -8.93
N GLY C 263 -18.70 -20.61 -8.23
CA GLY C 263 -17.43 -20.27 -8.85
C GLY C 263 -16.65 -21.49 -9.30
N ILE C 264 -16.65 -22.55 -8.49
CA ILE C 264 -15.96 -23.77 -8.87
C ILE C 264 -16.65 -24.43 -10.06
N LEU C 265 -17.97 -24.38 -10.11
CA LEU C 265 -18.69 -24.91 -11.26
C LEU C 265 -18.20 -24.30 -12.55
N PHE C 266 -18.17 -22.96 -12.61
CA PHE C 266 -17.75 -22.27 -13.83
C PHE C 266 -16.24 -22.28 -14.02
N LEU C 267 -15.49 -22.55 -12.96
CA LEU C 267 -14.04 -22.72 -13.10
C LEU C 267 -13.69 -24.05 -13.74
N ILE C 268 -14.33 -25.13 -13.30
CA ILE C 268 -14.07 -26.44 -13.88
C ILE C 268 -14.66 -26.51 -15.28
N ALA C 269 -15.89 -26.02 -15.45
CA ALA C 269 -16.49 -26.00 -16.78
C ALA C 269 -15.68 -25.16 -17.74
N GLY C 270 -15.23 -23.99 -17.30
CA GLY C 270 -14.45 -23.14 -18.17
C GLY C 270 -13.16 -23.78 -18.64
N CYS C 271 -12.54 -24.59 -17.77
CA CYS C 271 -11.31 -25.28 -18.16
C CYS C 271 -11.56 -26.28 -19.28
N ILE C 272 -12.66 -27.03 -19.18
CA ILE C 272 -12.94 -28.05 -20.19
C ILE C 272 -13.22 -27.41 -21.54
N ILE C 273 -13.88 -26.25 -21.54
CA ILE C 273 -14.21 -25.60 -22.80
C ILE C 273 -12.93 -25.23 -23.55
N GLU C 274 -11.91 -24.75 -22.83
CA GLU C 274 -10.69 -24.30 -23.48
C GLU C 274 -9.92 -25.45 -24.13
N VAL C 275 -10.22 -26.70 -23.77
CA VAL C 275 -9.59 -27.83 -24.43
C VAL C 275 -10.02 -27.86 -25.89
N GLU C 276 -9.05 -27.99 -26.78
CA GLU C 276 -9.32 -27.81 -28.21
C GLU C 276 -9.92 -29.06 -28.84
N ASP C 277 -9.17 -30.16 -28.85
CA ASP C 277 -9.64 -31.38 -29.51
C ASP C 277 -9.33 -32.64 -28.70
N TRP C 278 -9.07 -32.52 -27.40
CA TRP C 278 -8.76 -33.61 -26.49
C TRP C 278 -7.41 -34.25 -26.79
N GLU C 279 -6.68 -33.71 -27.76
CA GLU C 279 -5.36 -34.29 -28.14
C GLU C 279 -4.30 -33.81 -27.13
N ILE C 280 -4.50 -32.64 -26.52
CA ILE C 280 -3.51 -32.07 -25.62
C ILE C 280 -3.38 -32.93 -24.38
N PHE C 281 -4.48 -33.50 -23.91
CA PHE C 281 -4.43 -34.40 -22.77
C PHE C 281 -3.59 -35.65 -23.10
N ARG C 282 -3.72 -36.15 -24.32
CA ARG C 282 -2.89 -37.27 -24.74
C ARG C 282 -1.42 -36.87 -24.79
N LYS C 283 -1.13 -35.67 -25.29
CA LYS C 283 0.26 -35.21 -25.36
C LYS C 283 0.85 -35.05 -23.97
N LEU C 284 0.05 -34.56 -23.02
CA LEU C 284 0.50 -34.34 -21.65
C LEU C 284 0.17 -35.51 -20.73
N GLY C 285 -0.25 -36.65 -21.29
CA GLY C 285 -0.62 -37.77 -20.45
C GLY C 285 0.55 -38.30 -19.64
N LEU C 286 1.72 -38.41 -20.27
CA LEU C 286 2.89 -38.90 -19.55
C LEU C 286 3.32 -37.91 -18.46
N TYR C 287 3.25 -36.61 -18.76
CA TYR C 287 3.54 -35.61 -17.73
C TYR C 287 2.53 -35.68 -16.59
N MET C 288 1.26 -35.84 -16.93
CA MET C 288 0.24 -36.03 -15.89
C MET C 288 0.53 -37.27 -15.06
N ALA C 289 0.95 -38.36 -15.72
CA ALA C 289 1.29 -39.58 -15.00
C ALA C 289 2.45 -39.35 -14.04
N THR C 290 3.47 -38.61 -14.48
CA THR C 290 4.62 -38.35 -13.62
C THR C 290 4.21 -37.56 -12.38
N VAL C 291 3.44 -36.50 -12.58
CA VAL C 291 3.01 -35.70 -11.43
C VAL C 291 2.13 -36.52 -10.51
N LEU C 292 1.18 -37.27 -11.08
CA LEU C 292 0.26 -38.04 -10.26
C LEU C 292 0.97 -39.14 -9.49
N THR C 293 1.90 -39.85 -10.14
CA THR C 293 2.64 -40.90 -9.44
C THR C 293 3.51 -40.29 -8.34
N GLY C 294 4.14 -39.15 -8.62
CA GLY C 294 4.97 -38.51 -7.61
C GLY C 294 4.15 -38.09 -6.41
N LEU C 295 3.00 -37.46 -6.65
CA LEU C 295 2.14 -37.04 -5.55
C LEU C 295 1.64 -38.24 -4.77
N ALA C 296 1.23 -39.30 -5.48
CA ALA C 296 0.76 -40.52 -4.83
C ALA C 296 1.84 -41.09 -3.91
N ILE C 297 3.03 -41.33 -4.47
CA ILE C 297 4.12 -41.88 -3.66
C ILE C 297 4.36 -41.02 -2.42
N HIS C 298 4.42 -39.71 -2.61
CA HIS C 298 4.74 -38.82 -1.49
C HIS C 298 3.68 -38.90 -0.40
N SER C 299 2.40 -38.96 -0.78
CA SER C 299 1.32 -38.90 0.18
C SER C 299 0.90 -40.26 0.74
N ILE C 300 1.33 -41.35 0.10
CA ILE C 300 0.93 -42.69 0.54
C ILE C 300 2.10 -43.52 1.04
N VAL C 301 3.34 -43.10 0.79
CA VAL C 301 4.50 -43.83 1.25
C VAL C 301 5.36 -42.95 2.15
N ILE C 302 5.89 -41.86 1.58
CA ILE C 302 6.87 -41.05 2.29
C ILE C 302 6.25 -40.41 3.52
N LEU C 303 5.09 -39.76 3.36
CA LEU C 303 4.46 -39.12 4.50
C LEU C 303 4.01 -40.13 5.55
N PRO C 304 3.29 -41.20 5.21
CA PRO C 304 2.99 -42.21 6.24
C PRO C 304 4.22 -42.82 6.88
N LEU C 305 5.29 -43.04 6.10
CA LEU C 305 6.49 -43.64 6.67
C LEU C 305 7.13 -42.74 7.71
N ILE C 306 7.30 -41.45 7.38
CA ILE C 306 7.94 -40.53 8.31
C ILE C 306 7.07 -40.35 9.55
N TYR C 307 5.75 -40.36 9.39
CA TYR C 307 4.87 -40.30 10.54
C TYR C 307 5.07 -41.51 11.45
N PHE C 308 5.25 -42.69 10.87
CA PHE C 308 5.48 -43.89 11.67
C PHE C 308 6.80 -43.81 12.44
N ILE C 309 7.85 -43.30 11.81
CA ILE C 309 9.14 -43.20 12.51
C ILE C 309 9.03 -42.27 13.71
N VAL C 310 8.43 -41.10 13.51
CA VAL C 310 8.33 -40.13 14.61
C VAL C 310 7.17 -40.49 15.53
N VAL C 311 6.02 -40.85 14.98
CA VAL C 311 4.84 -41.18 15.76
C VAL C 311 4.59 -42.68 15.61
N ARG C 312 4.59 -43.41 16.73
CA ARG C 312 4.35 -44.85 16.72
C ARG C 312 2.85 -45.12 16.71
N LYS C 313 2.20 -44.63 15.66
CA LYS C 313 0.76 -44.81 15.48
C LYS C 313 0.48 -45.05 14.01
N ASN C 314 -0.70 -45.56 13.73
CA ASN C 314 -1.09 -45.86 12.36
C ASN C 314 -1.24 -44.56 11.57
N PRO C 315 -0.48 -44.36 10.48
CA PRO C 315 -0.61 -43.11 9.72
C PRO C 315 -1.88 -43.06 8.87
N PHE C 316 -2.28 -44.22 8.34
CA PHE C 316 -3.49 -44.26 7.52
C PHE C 316 -4.74 -44.01 8.34
N ARG C 317 -4.77 -44.44 9.59
CA ARG C 317 -5.87 -44.05 10.48
C ARG C 317 -5.86 -42.54 10.68
N PHE C 318 -4.68 -41.94 10.81
CA PHE C 318 -4.58 -40.49 10.92
C PHE C 318 -5.16 -39.83 9.68
N ALA C 319 -4.85 -40.36 8.50
CA ALA C 319 -5.41 -39.81 7.27
C ALA C 319 -6.92 -40.03 7.23
N MET C 320 -7.39 -41.21 7.64
CA MET C 320 -8.83 -41.44 7.66
C MET C 320 -9.54 -40.51 8.63
N GLY C 321 -8.86 -40.12 9.72
CA GLY C 321 -9.45 -39.15 10.61
C GLY C 321 -9.46 -37.74 10.06
N MET C 322 -8.60 -37.47 9.07
CA MET C 322 -8.51 -36.17 8.43
C MET C 322 -9.01 -36.24 6.99
N ALA C 323 -9.95 -37.15 6.73
CA ALA C 323 -10.41 -37.40 5.37
C ALA C 323 -11.23 -36.23 4.83
N GLN C 324 -12.13 -35.69 5.66
CA GLN C 324 -12.99 -34.60 5.21
C GLN C 324 -12.16 -33.40 4.76
N ALA C 325 -11.04 -33.14 5.44
CA ALA C 325 -10.17 -32.04 5.03
C ALA C 325 -9.50 -32.31 3.69
N LEU C 326 -9.01 -33.53 3.49
CA LEU C 326 -8.39 -33.86 2.20
C LEU C 326 -9.41 -33.82 1.07
N LEU C 327 -10.63 -34.30 1.34
CA LEU C 327 -11.67 -34.30 0.32
C LEU C 327 -12.03 -32.87 -0.06
N THR C 328 -12.18 -32.00 0.93
CA THR C 328 -12.51 -30.60 0.65
C THR C 328 -11.38 -29.93 -0.13
N ALA C 329 -10.13 -30.24 0.21
CA ALA C 329 -9.00 -29.68 -0.52
C ALA C 329 -8.99 -30.16 -1.97
N LEU C 330 -9.32 -31.44 -2.17
CA LEU C 330 -9.30 -32.02 -3.54
C LEU C 330 -10.45 -31.44 -4.37
N MET C 331 -11.42 -30.79 -3.72
CA MET C 331 -12.59 -30.23 -4.45
C MET C 331 -12.37 -28.74 -4.69
N ILE C 332 -12.05 -27.98 -3.64
CA ILE C 332 -11.90 -26.53 -3.77
C ILE C 332 -10.49 -26.12 -4.19
N SER C 333 -9.51 -27.01 -4.11
CA SER C 333 -8.15 -26.72 -4.54
C SER C 333 -7.57 -25.50 -3.82
N SER C 334 -7.80 -25.41 -2.51
CA SER C 334 -7.24 -24.33 -1.71
C SER C 334 -6.90 -24.85 -0.33
N SER C 335 -5.63 -24.79 0.03
CA SER C 335 -5.20 -25.22 1.35
C SER C 335 -5.52 -24.19 2.43
N SER C 336 -5.77 -22.94 2.03
CA SER C 336 -6.13 -21.89 2.97
C SER C 336 -7.64 -21.79 3.18
N ALA C 337 -8.42 -22.00 2.12
CA ALA C 337 -9.87 -21.99 2.26
C ALA C 337 -10.37 -23.20 3.03
N THR C 338 -9.67 -24.34 2.92
CA THR C 338 -10.02 -25.54 3.67
C THR C 338 -9.42 -25.53 5.07
N LEU C 339 -8.71 -24.48 5.45
CA LEU C 339 -8.09 -24.42 6.77
C LEU C 339 -9.08 -24.64 7.90
N PRO C 340 -10.28 -24.06 7.91
CA PRO C 340 -11.22 -24.38 8.99
C PRO C 340 -11.54 -25.86 9.07
N VAL C 341 -11.67 -26.52 7.92
CA VAL C 341 -11.93 -27.96 7.92
C VAL C 341 -10.73 -28.71 8.46
N THR C 342 -9.53 -28.28 8.08
CA THR C 342 -8.31 -28.91 8.58
C THR C 342 -8.21 -28.77 10.09
N PHE C 343 -8.53 -27.58 10.62
CA PHE C 343 -8.55 -27.39 12.06
C PHE C 343 -9.54 -28.33 12.73
N ARG C 344 -10.77 -28.37 12.23
CA ARG C 344 -11.81 -29.18 12.85
C ARG C 344 -11.43 -30.66 12.84
N CYS C 345 -10.98 -31.17 11.69
CA CYS C 345 -10.64 -32.58 11.60
C CYS C 345 -9.52 -32.95 12.57
N ALA C 346 -8.42 -32.19 12.54
CA ALA C 346 -7.28 -32.53 13.39
C ALA C 346 -7.63 -32.44 14.86
N GLU C 347 -8.39 -31.41 15.26
CA GLU C 347 -8.68 -31.20 16.67
C GLU C 347 -9.72 -32.19 17.19
N GLU C 348 -10.76 -32.48 16.40
CA GLU C 348 -11.86 -33.32 16.86
C GLU C 348 -11.58 -34.80 16.63
N ASN C 349 -11.36 -35.20 15.37
CA ASN C 349 -11.26 -36.62 15.06
C ASN C 349 -9.95 -37.21 15.56
N ASN C 350 -8.85 -36.47 15.42
CA ASN C 350 -7.54 -36.95 15.82
C ASN C 350 -7.15 -36.52 17.23
N GLN C 351 -7.95 -35.69 17.88
CA GLN C 351 -7.70 -35.28 19.26
C GLN C 351 -6.31 -34.66 19.41
N VAL C 352 -5.92 -33.86 18.42
CA VAL C 352 -4.64 -33.18 18.45
C VAL C 352 -4.72 -31.96 19.35
N ASP C 353 -3.64 -31.68 20.06
CA ASP C 353 -3.60 -30.54 20.99
C ASP C 353 -3.80 -29.24 20.23
N LYS C 354 -4.61 -28.35 20.81
CA LYS C 354 -4.90 -27.09 20.15
C LYS C 354 -3.69 -26.17 20.12
N ARG C 355 -2.80 -26.28 21.10
CA ARG C 355 -1.68 -25.35 21.18
C ARG C 355 -0.73 -25.51 20.00
N ILE C 356 -0.45 -26.75 19.61
CA ILE C 356 0.46 -26.96 18.49
C ILE C 356 -0.28 -26.85 17.16
N THR C 357 -1.57 -27.18 17.13
CA THR C 357 -2.33 -27.05 15.88
C THR C 357 -2.44 -25.60 15.45
N ARG C 358 -2.71 -24.70 16.41
CA ARG C 358 -2.93 -23.29 16.06
C ARG C 358 -1.71 -22.65 15.42
N PHE C 359 -0.52 -23.24 15.56
CA PHE C 359 0.66 -22.75 14.87
C PHE C 359 1.02 -23.57 13.63
N VAL C 360 0.93 -24.90 13.73
CA VAL C 360 1.40 -25.75 12.64
C VAL C 360 0.48 -25.61 11.42
N LEU C 361 -0.84 -25.60 11.65
CA LEU C 361 -1.77 -25.62 10.52
C LEU C 361 -1.77 -24.29 9.76
N PRO C 362 -2.02 -23.14 10.39
CA PRO C 362 -2.11 -21.91 9.60
C PRO C 362 -0.79 -21.51 8.96
N VAL C 363 0.32 -21.74 9.65
CA VAL C 363 1.62 -21.42 9.07
C VAL C 363 1.93 -22.38 7.93
N GLY C 364 1.72 -23.68 8.16
CA GLY C 364 1.98 -24.67 7.14
C GLY C 364 1.05 -24.58 5.95
N ALA C 365 -0.11 -23.96 6.11
CA ALA C 365 -1.01 -23.78 4.98
C ALA C 365 -0.39 -22.90 3.89
N THR C 366 0.63 -22.11 4.23
CA THR C 366 1.24 -21.19 3.29
C THR C 366 2.69 -21.51 2.99
N ILE C 367 3.46 -22.02 3.95
CA ILE C 367 4.87 -22.30 3.72
C ILE C 367 4.96 -23.74 3.25
N ASN C 368 4.45 -24.66 4.06
CA ASN C 368 4.52 -26.08 3.74
C ASN C 368 3.57 -26.47 2.62
N MET C 369 4.08 -26.42 1.38
CA MET C 369 3.31 -26.86 0.20
C MET C 369 4.17 -27.92 -0.51
N ASP C 370 3.99 -29.20 -0.16
CA ASP C 370 4.86 -30.25 -0.67
C ASP C 370 4.44 -30.68 -2.07
N GLY C 371 3.14 -30.89 -2.29
CA GLY C 371 2.70 -31.29 -3.61
C GLY C 371 2.98 -30.23 -4.66
N THR C 372 2.83 -28.96 -4.28
CA THR C 372 3.19 -27.89 -5.20
C THR C 372 4.68 -27.93 -5.51
N ALA C 373 5.51 -28.18 -4.51
CA ALA C 373 6.94 -28.28 -4.75
C ALA C 373 7.25 -29.41 -5.71
N LEU C 374 6.63 -30.57 -5.50
CA LEU C 374 6.81 -31.69 -6.42
C LEU C 374 6.32 -31.32 -7.81
N TYR C 375 5.16 -30.69 -7.90
CA TYR C 375 4.61 -30.31 -9.20
C TYR C 375 5.49 -29.28 -9.90
N GLU C 376 6.01 -28.31 -9.16
CA GLU C 376 6.89 -27.31 -9.76
C GLU C 376 8.13 -27.95 -10.35
N ALA C 377 8.78 -28.84 -9.59
CA ALA C 377 9.98 -29.50 -10.09
C ALA C 377 9.68 -30.34 -11.33
N VAL C 378 8.63 -31.16 -11.27
CA VAL C 378 8.32 -32.05 -12.38
C VAL C 378 7.96 -31.22 -13.61
N ALA C 379 7.15 -30.17 -13.43
CA ALA C 379 6.70 -29.39 -14.57
C ALA C 379 7.83 -28.59 -15.19
N ALA C 380 8.72 -28.04 -14.37
CA ALA C 380 9.86 -27.30 -14.91
C ALA C 380 10.76 -28.22 -15.74
N VAL C 381 11.07 -29.40 -15.21
CA VAL C 381 11.92 -30.33 -15.94
C VAL C 381 11.21 -30.82 -17.20
N PHE C 382 9.89 -31.02 -17.11
CA PHE C 382 9.14 -31.50 -18.26
C PHE C 382 9.11 -30.48 -19.38
N ILE C 383 8.92 -29.20 -19.04
CA ILE C 383 8.94 -28.15 -20.06
C ILE C 383 10.33 -28.07 -20.68
N ALA C 384 11.37 -28.12 -19.85
CA ALA C 384 12.73 -28.14 -20.37
C ALA C 384 12.93 -29.31 -21.33
N GLN C 385 12.47 -30.50 -20.94
CA GLN C 385 12.58 -31.66 -21.82
C GLN C 385 11.85 -31.43 -23.13
N LEU C 386 10.70 -30.76 -23.08
CA LEU C 386 9.98 -30.44 -24.31
C LEU C 386 10.84 -29.55 -25.21
N ASN C 387 11.56 -28.61 -24.62
CA ASN C 387 12.42 -27.70 -25.38
C ASN C 387 13.73 -28.34 -25.79
N ASP C 388 13.97 -29.59 -25.42
CA ASP C 388 15.18 -30.32 -25.81
C ASP C 388 16.44 -29.61 -25.28
N LEU C 389 16.38 -29.21 -24.01
CA LEU C 389 17.51 -28.60 -23.33
C LEU C 389 18.02 -29.59 -22.28
N ASP C 390 19.21 -30.11 -22.50
CA ASP C 390 19.75 -31.14 -21.60
C ASP C 390 20.17 -30.51 -20.28
N LEU C 391 19.66 -31.04 -19.19
CA LEU C 391 19.85 -30.46 -17.88
C LEU C 391 21.09 -31.05 -17.22
N GLY C 392 22.02 -30.19 -16.81
CA GLY C 392 23.18 -30.61 -16.09
C GLY C 392 22.88 -30.80 -14.61
N ILE C 393 23.94 -31.07 -13.85
CA ILE C 393 23.77 -31.22 -12.41
C ILE C 393 23.41 -29.88 -11.79
N GLY C 394 24.12 -28.82 -12.16
CA GLY C 394 23.82 -27.51 -11.61
C GLY C 394 22.43 -27.03 -12.00
N GLN C 395 22.00 -27.34 -13.23
CA GLN C 395 20.65 -27.00 -13.63
C GLN C 395 19.62 -27.71 -12.77
N ILE C 396 19.86 -28.99 -12.46
CA ILE C 396 18.95 -29.73 -11.59
C ILE C 396 18.94 -29.10 -10.19
N ILE C 397 20.12 -28.73 -9.68
CA ILE C 397 20.22 -28.17 -8.34
C ILE C 397 19.47 -26.83 -8.27
N THR C 398 19.66 -25.98 -9.29
CA THR C 398 19.00 -24.68 -9.28
C THR C 398 17.48 -24.83 -9.43
N ILE C 399 17.04 -25.84 -10.19
CA ILE C 399 15.62 -26.13 -10.28
C ILE C 399 15.08 -26.55 -8.93
N SER C 400 15.82 -27.38 -8.20
CA SER C 400 15.36 -27.83 -6.89
C SER C 400 15.19 -26.66 -5.93
N ILE C 401 16.18 -25.77 -5.87
CA ILE C 401 16.09 -24.64 -4.93
C ILE C 401 14.94 -23.73 -5.30
N THR C 402 14.78 -23.41 -6.59
CA THR C 402 13.71 -22.51 -7.00
C THR C 402 12.34 -23.15 -6.84
N ALA C 403 12.25 -24.47 -7.00
CA ALA C 403 10.97 -25.14 -6.77
C ALA C 403 10.60 -25.12 -5.30
N THR C 404 11.58 -25.30 -4.41
CA THR C 404 11.32 -25.16 -2.98
C THR C 404 10.87 -23.74 -2.65
N SER C 405 11.56 -22.75 -3.20
CA SER C 405 11.17 -21.36 -2.97
C SER C 405 9.81 -21.06 -3.55
N ALA C 406 9.52 -21.61 -4.74
CA ALA C 406 8.24 -21.36 -5.38
C ALA C 406 7.08 -21.95 -4.58
N SER C 407 7.26 -23.16 -4.04
CA SER C 407 6.24 -23.73 -3.16
C SER C 407 6.06 -22.89 -1.91
N ILE C 408 7.15 -22.39 -1.34
CA ILE C 408 7.05 -21.51 -0.18
C ILE C 408 6.37 -20.21 -0.56
N GLY C 409 6.71 -19.63 -1.71
CA GLY C 409 6.18 -18.34 -2.09
C GLY C 409 4.82 -18.37 -2.74
N ALA C 410 4.28 -19.54 -3.02
CA ALA C 410 2.95 -19.65 -3.64
C ALA C 410 1.88 -19.66 -2.56
N ALA C 411 0.74 -19.05 -2.85
CA ALA C 411 -0.33 -18.92 -1.89
C ALA C 411 -1.18 -20.20 -1.85
N GLY C 412 -2.13 -20.23 -0.93
CA GLY C 412 -3.04 -21.35 -0.81
C GLY C 412 -4.33 -21.17 -1.58
N VAL C 413 -4.24 -20.66 -2.80
CA VAL C 413 -5.41 -20.36 -3.61
C VAL C 413 -5.42 -21.29 -4.81
N PRO C 414 -6.55 -21.44 -5.53
CA PRO C 414 -6.55 -22.23 -6.75
C PRO C 414 -5.63 -21.53 -7.74
N GLN C 415 -4.75 -22.28 -8.43
CA GLN C 415 -3.89 -21.70 -9.49
C GLN C 415 -2.68 -20.96 -8.92
N ALA C 416 -2.46 -21.00 -7.60
CA ALA C 416 -1.24 -20.41 -7.06
C ALA C 416 0.01 -21.07 -7.64
N GLY C 417 -0.10 -22.34 -8.04
CA GLY C 417 1.05 -23.03 -8.59
C GLY C 417 1.57 -22.40 -9.86
N LEU C 418 0.66 -21.89 -10.69
CA LEU C 418 1.05 -21.31 -11.97
C LEU C 418 1.63 -19.92 -11.82
N VAL C 419 1.28 -19.22 -10.73
CA VAL C 419 1.75 -17.80 -10.59
C VAL C 419 3.26 -17.79 -10.31
N THR C 420 3.74 -18.71 -9.48
CA THR C 420 5.16 -18.77 -9.14
C THR C 420 5.92 -19.73 -10.04
N MET C 421 5.27 -20.31 -11.04
CA MET C 421 5.96 -21.25 -11.92
C MET C 421 6.94 -20.52 -12.83
N VAL C 422 6.64 -19.26 -13.18
CA VAL C 422 7.51 -18.51 -14.07
C VAL C 422 8.88 -18.32 -13.45
N ILE C 423 8.94 -18.20 -12.13
CA ILE C 423 10.23 -18.00 -11.46
C ILE C 423 11.13 -19.21 -11.67
N VAL C 424 10.60 -20.41 -11.42
CA VAL C 424 11.42 -21.61 -11.57
C VAL C 424 11.73 -21.86 -13.05
N LEU C 425 10.82 -21.50 -13.95
CA LEU C 425 11.11 -21.63 -15.37
C LEU C 425 12.24 -20.71 -15.78
N SER C 426 12.23 -19.47 -15.32
CA SER C 426 13.30 -18.53 -15.66
C SER C 426 14.61 -18.84 -14.95
N ALA C 427 14.58 -19.70 -13.94
CA ALA C 427 15.82 -20.12 -13.29
C ALA C 427 16.76 -20.78 -14.29
N VAL C 428 16.22 -21.53 -15.23
CA VAL C 428 17.02 -22.21 -16.25
C VAL C 428 16.93 -21.49 -17.60
N GLY C 429 16.51 -20.22 -17.60
CA GLY C 429 16.45 -19.45 -18.82
C GLY C 429 15.29 -19.76 -19.74
N LEU C 430 14.36 -20.60 -19.30
CA LEU C 430 13.22 -20.94 -20.14
C LEU C 430 12.30 -19.73 -20.29
N PRO C 431 11.61 -19.59 -21.43
CA PRO C 431 10.70 -18.46 -21.60
C PRO C 431 9.60 -18.45 -20.56
N ALA C 432 9.19 -17.26 -20.16
CA ALA C 432 8.14 -17.14 -19.14
C ALA C 432 6.82 -17.68 -19.65
N GLU C 433 6.51 -17.44 -20.93
CA GLU C 433 5.25 -17.90 -21.51
C GLU C 433 5.20 -19.40 -21.75
N ASP C 434 6.26 -20.14 -21.40
CA ASP C 434 6.24 -21.58 -21.58
C ASP C 434 5.30 -22.29 -20.60
N VAL C 435 4.78 -21.57 -19.61
CA VAL C 435 3.79 -22.16 -18.71
C VAL C 435 2.56 -22.61 -19.47
N THR C 436 2.30 -21.99 -20.62
CA THR C 436 1.13 -22.35 -21.42
C THR C 436 1.17 -23.79 -21.91
N LEU C 437 2.35 -24.42 -21.90
CA LEU C 437 2.47 -25.80 -22.36
C LEU C 437 1.81 -26.80 -21.43
N ILE C 438 1.47 -26.42 -20.20
CA ILE C 438 0.86 -27.36 -19.26
C ILE C 438 -0.39 -26.74 -18.63
N ILE C 439 -0.90 -25.66 -19.21
CA ILE C 439 -2.07 -25.00 -18.63
C ILE C 439 -3.31 -25.86 -18.80
N ALA C 440 -3.42 -26.56 -19.93
CA ALA C 440 -4.68 -27.21 -20.27
C ALA C 440 -5.09 -28.22 -19.21
N VAL C 441 -4.13 -28.98 -18.68
CA VAL C 441 -4.42 -30.04 -17.73
C VAL C 441 -4.14 -29.60 -16.29
N ASP C 442 -4.15 -28.30 -16.02
CA ASP C 442 -3.68 -27.82 -14.72
C ASP C 442 -4.71 -28.05 -13.63
N CYS C 443 -6.00 -28.09 -13.95
CA CYS C 443 -7.02 -28.15 -12.91
C CYS C 443 -6.93 -29.46 -12.14
N LEU C 444 -6.83 -30.59 -12.86
CA LEU C 444 -6.77 -31.87 -12.18
C LEU C 444 -5.52 -31.98 -11.33
N LEU C 445 -4.37 -31.60 -11.90
CA LEU C 445 -3.11 -31.65 -11.16
C LEU C 445 -3.13 -30.66 -10.00
N ASP C 446 -3.76 -29.51 -10.19
CA ASP C 446 -3.87 -28.51 -9.12
C ASP C 446 -4.66 -29.05 -7.94
N ARG C 447 -5.76 -29.74 -8.22
CA ARG C 447 -6.62 -30.26 -7.12
C ARG C 447 -5.86 -31.32 -6.32
N PHE C 448 -5.16 -32.23 -7.01
CA PHE C 448 -4.41 -33.28 -6.31
C PHE C 448 -3.25 -32.70 -5.52
N ARG C 449 -2.44 -31.82 -6.15
CA ARG C 449 -1.29 -31.28 -5.45
C ARG C 449 -1.73 -30.50 -4.21
N THR C 450 -2.93 -29.91 -4.24
CA THR C 450 -3.45 -29.23 -3.06
C THR C 450 -3.84 -30.23 -1.98
N MET C 451 -4.49 -31.33 -2.38
CA MET C 451 -4.87 -32.36 -1.41
C MET C 451 -3.66 -32.84 -0.63
N VAL C 452 -2.57 -33.16 -1.33
CA VAL C 452 -1.36 -33.61 -0.65
C VAL C 452 -0.73 -32.45 0.12
N ASN C 453 -0.92 -31.22 -0.35
CA ASN C 453 -0.38 -30.07 0.37
C ASN C 453 -0.96 -30.00 1.78
N VAL C 454 -2.27 -30.18 1.89
CA VAL C 454 -2.93 -30.17 3.20
C VAL C 454 -2.51 -31.40 3.99
N LEU C 455 -2.37 -32.55 3.32
CA LEU C 455 -1.97 -33.77 4.00
C LEU C 455 -0.59 -33.63 4.63
N GLY C 456 0.31 -32.91 3.98
CA GLY C 456 1.62 -32.69 4.56
C GLY C 456 1.51 -31.97 5.90
N ASP C 457 0.70 -30.91 5.94
CA ASP C 457 0.47 -30.19 7.19
C ASP C 457 -0.25 -31.09 8.19
N ALA C 458 -1.19 -31.90 7.71
CA ALA C 458 -1.94 -32.78 8.59
C ALA C 458 -1.02 -33.70 9.37
N PHE C 459 -0.08 -34.35 8.67
CA PHE C 459 0.88 -35.22 9.36
C PHE C 459 1.81 -34.41 10.25
N GLY C 460 2.16 -33.20 9.85
CA GLY C 460 3.02 -32.38 10.68
C GLY C 460 2.43 -32.06 12.04
N THR C 461 1.12 -31.85 12.11
CA THR C 461 0.49 -31.58 13.39
C THR C 461 0.75 -32.71 14.38
N GLY C 462 0.45 -33.95 13.99
CA GLY C 462 0.68 -35.07 14.89
C GLY C 462 2.15 -35.30 15.16
N ILE C 463 2.98 -35.13 14.12
CA ILE C 463 4.42 -35.36 14.28
C ILE C 463 5.02 -34.33 15.23
N VAL C 464 4.65 -33.06 15.09
CA VAL C 464 5.16 -32.03 15.97
C VAL C 464 4.65 -32.25 17.39
N GLU C 465 3.42 -32.72 17.53
CA GLU C 465 2.89 -33.04 18.86
C GLU C 465 3.72 -34.12 19.54
N LYS C 466 4.06 -35.19 18.81
CA LYS C 466 4.87 -36.25 19.37
C LYS C 466 6.26 -35.76 19.72
N LEU C 467 6.85 -34.93 18.86
CA LEU C 467 8.19 -34.42 19.09
C LEU C 467 8.24 -33.39 20.21
N SER C 468 7.08 -32.93 20.69
CA SER C 468 6.99 -31.92 21.74
C SER C 468 6.10 -32.38 22.87
N LYS C 469 6.04 -33.70 23.09
CA LYS C 469 5.20 -34.24 24.16
C LYS C 469 5.61 -33.65 25.51
N LYS C 470 6.91 -33.62 25.79
CA LYS C 470 7.40 -33.10 27.06
C LYS C 470 7.03 -31.63 27.24
N GLU C 471 7.15 -30.85 26.16
CA GLU C 471 6.90 -29.41 26.26
C GLU C 471 5.43 -29.13 26.56
N LEU C 472 4.52 -29.88 25.97
CA LEU C 472 3.09 -29.69 26.22
C LEU C 472 2.71 -30.24 27.58
N DAS D . -19.05 16.61 -5.03
CA DAS D . -18.93 15.27 -4.47
C DAS D . -19.89 15.09 -3.28
O DAS D . -20.99 14.57 -3.42
CB DAS D . -19.21 14.22 -5.54
CG DAS D . -19.15 14.78 -6.94
OD1 DAS D . -19.75 14.18 -7.85
OD2 DAS D . -18.53 15.85 -7.11
OXT DAS D . -19.56 15.47 -2.16
NA NA E . -23.67 11.79 0.04
NA NA F . -19.86 7.84 -3.95
NA NA G . -29.66 7.28 -3.64
HG HG H . -16.61 26.81 -12.24
HG HG I . 33.52 4.63 -0.28
NA NA J . 19.02 21.28 11.48
NA NA K . 15.78 13.36 6.66
NA NA L . 19.47 12.98 12.32
N DAS M . 23.41 8.86 6.19
CA DAS M . 22.02 9.21 6.50
C DAS M . 21.88 9.61 7.96
O DAS M . 21.90 10.78 8.31
CB DAS M . 21.54 10.34 5.57
CG DAS M . 22.44 10.53 4.39
OD1 DAS M . 22.42 11.64 3.80
OD2 DAS M . 23.18 9.59 4.03
OXT DAS M . 21.73 8.75 8.83
N DAS N . -3.35 -25.12 -4.72
CA DAS N . -2.60 -24.31 -3.76
C DAS N . -2.65 -24.93 -2.36
O DAS N . -1.74 -25.65 -1.95
CB DAS N . -1.15 -24.14 -4.22
CG DAS N . -0.97 -24.50 -5.68
OD1 DAS N . 0.18 -24.81 -6.08
OD2 DAS N . -1.97 -24.50 -6.42
OXT DAS N . -3.59 -24.73 -1.62
NA NA O . -0.11 -26.28 2.93
NA NA P . 3.40 -21.45 -0.28
NA NA Q . 7.52 -29.65 3.21
HG HG R . -8.97 -28.67 -15.56
#